data_6TT3
#
_entry.id   6TT3
#
_cell.length_a   73.617
_cell.length_b   78.201
_cell.length_c   83.789
_cell.angle_alpha   88.636
_cell.angle_beta   64.346
_cell.angle_gamma   74.638
#
_symmetry.space_group_name_H-M   'P 1'
#
loop_
_entity.id
_entity.type
_entity.pdbx_description
1 polymer 'Angiotensin-converting enzyme'
2 branched 2-acetamido-2-deoxy-beta-D-glucopyranose-(1-4)-2-acetamido-2-deoxy-beta-D-glucopyranose
3 branched beta-D-mannopyranose-(1-4)-2-acetamido-2-deoxy-beta-D-glucopyranose-(1-4)-[alpha-L-fucopyranose-(1-6)]2-acetamido-2-deoxy-beta-D-glucopyranose
4 branched alpha-L-fucopyranose-(1-6)-2-acetamido-2-deoxy-beta-D-glucopyranose
5 non-polymer 'BORIC ACID'
6 non-polymer 'ZINC ION'
7 non-polymer 'CHLORIDE ION'
8 non-polymer '(2~{S})-1-[(2~{S})-2-[[(1~{S})-1-[(2~{S})-1-[(2~{S})-2-azanyl-4-oxidanyl-4-oxidanylidene-butanoyl]pyrrolidin-2-yl]-2-oxidanyl-2-oxidanylidene-ethyl]amino]propanoyl]pyrrolidine-2-carboxylic acid'
9 non-polymer 'TRIETHYLENE GLYCOL'
10 non-polymer DI(HYDROXYETHYL)ETHER
11 non-polymer 'TETRAETHYLENE GLYCOL'
12 non-polymer 1,2-ETHANEDIOL
13 non-polymer BICINE
14 non-polymer 'CALCIUM ION'
15 non-polymer 2-acetamido-2-deoxy-beta-D-glucopyranose
16 water water
#
_entity_poly.entity_id   1
_entity_poly.type   'polypeptide(L)'
_entity_poly.pdbx_seq_one_letter_code
;LDPGLQPGQFSADEAGAQLFAQSYQSSAEQVLFQSVAASWAHDTNITAENARRQEEAALLSQEFAEAWGQKAKELYEPIW
QQFTDPQLRRIIGAVRTLGSANLPLAKRQQYNALLSQMSRIYSTAKVCLPQKTATCWSLDPDLTNILASSRSYAMLLFAW
EGWHNAAGIPLKPLYEDFTALSNEAYKQDGFTDTGAYWRSWYNSPTFEDDLEHLYQQLEPLYLNLHAFVRRALHRRYGDR
YINLRGPIPAHLLGDMWAQTWSNIYDMVVPFPDKPNLDVTSTMLQQGWQATHMFRVAEEFFTSLELSPMPPEFWEGSMLE
KPADGREVVCHASAWDFYNRKDFRIKQCTRVTMEQLVVVHHEMGHIQYFLQYKDLPVSLREGANPGFHEAIGDVLALSVS
TPEHLHKIGLLDRVTNDTESDINYLLKMALDKIAFLPFGYLVDQWRWGVFSGRTPPSRYNFDWWYLRTKYQGICPPVTRN
ETHFDAGAKFHVPNVTPYIRYFVSFVLQFQFHEALCKEAGYEGPLHQCDIYRSTKAGAKLRKVLRAGSSRPWQEVLKDMV
GLDALDAQPLLKYFQLVTQWLQEQNQQNGEVLGWPEYQWHPPLPDNYPEGIDLVTDEAEASKFVEEYDL
;
_entity_poly.pdbx_strand_id   A,B
#
# COMPACT_ATOMS: atom_id res chain seq x y z
N LEU A 1 38.48 13.80 -19.99
CA LEU A 1 37.71 13.72 -21.26
C LEU A 1 38.60 14.18 -22.41
N ASP A 2 38.76 13.33 -23.42
CA ASP A 2 39.59 13.69 -24.57
C ASP A 2 39.16 15.04 -25.12
N PRO A 3 40.11 15.87 -25.61
CA PRO A 3 39.73 17.18 -26.16
C PRO A 3 38.65 17.11 -27.23
N GLY A 4 38.70 16.14 -28.14
CA GLY A 4 37.70 16.10 -29.19
C GLY A 4 36.28 15.86 -28.70
N LEU A 5 36.12 15.36 -27.47
CA LEU A 5 34.81 15.02 -26.91
C LEU A 5 34.23 16.10 -26.02
N GLN A 6 34.95 17.22 -25.77
CA GLN A 6 34.49 18.23 -24.84
C GLN A 6 33.62 19.27 -25.53
N PRO A 7 32.64 19.85 -24.82
CA PRO A 7 31.84 20.91 -25.43
C PRO A 7 32.55 22.26 -25.55
N GLY A 8 32.37 22.91 -26.69
CA GLY A 8 32.85 24.27 -26.92
C GLY A 8 31.82 25.30 -26.51
N GLN A 9 31.87 26.45 -27.19
CA GLN A 9 30.93 27.53 -26.94
C GLN A 9 29.93 27.64 -28.08
N PHE A 10 28.75 28.10 -27.71
CA PHE A 10 27.63 28.30 -28.61
C PHE A 10 26.85 29.49 -28.08
N SER A 11 26.18 30.22 -28.97
CA SER A 11 25.41 31.36 -28.51
C SER A 11 24.24 30.90 -27.65
N ALA A 12 23.73 31.82 -26.84
CA ALA A 12 22.75 31.49 -25.80
C ALA A 12 21.32 31.77 -26.28
N ASP A 13 20.97 31.11 -27.39
CA ASP A 13 19.69 31.28 -28.06
C ASP A 13 19.37 30.00 -28.81
N GLU A 14 18.22 29.97 -29.50
CA GLU A 14 17.78 28.73 -30.14
C GLU A 14 18.69 28.34 -31.33
N ALA A 15 19.13 29.32 -32.12
CA ALA A 15 20.07 29.02 -33.20
C ALA A 15 21.34 28.36 -32.65
N GLY A 16 21.81 28.82 -31.48
CA GLY A 16 23.00 28.21 -30.89
C GLY A 16 22.75 26.81 -30.35
N ALA A 17 21.60 26.61 -29.70
CA ALA A 17 21.28 25.28 -29.18
C ALA A 17 21.22 24.24 -30.28
N GLN A 18 20.75 24.63 -31.47
CA GLN A 18 20.74 23.71 -32.61
C GLN A 18 22.16 23.28 -32.99
N LEU A 19 23.10 24.23 -33.04
CA LEU A 19 24.51 23.87 -33.28
C LEU A 19 25.09 23.07 -32.13
N PHE A 20 24.73 23.41 -30.89
CA PHE A 20 25.12 22.62 -29.72
C PHE A 20 24.67 21.15 -29.86
N ALA A 21 23.41 20.95 -30.24
CA ALA A 21 22.91 19.60 -30.35
C ALA A 21 23.60 18.83 -31.48
N GLN A 22 23.97 19.51 -32.57
CA GLN A 22 24.69 18.84 -33.64
C GLN A 22 26.11 18.43 -33.22
N SER A 23 26.81 19.31 -32.47
CA SER A 23 28.13 18.94 -31.98
C SER A 23 28.06 17.82 -30.94
N TYR A 24 27.06 17.86 -30.06
CA TYR A 24 26.83 16.77 -29.09
C TYR A 24 26.68 15.43 -29.80
N GLN A 25 25.83 15.40 -30.83
CA GLN A 25 25.59 14.17 -31.60
C GLN A 25 26.89 13.51 -32.03
N SER A 26 27.83 14.29 -32.56
CA SER A 26 29.05 13.70 -33.09
C SER A 26 29.82 12.94 -32.02
N SER A 27 29.97 13.55 -30.86
CA SER A 27 30.79 12.92 -29.82
C SER A 27 30.01 11.88 -29.04
N ALA A 28 28.69 12.06 -28.89
CA ALA A 28 27.90 11.08 -28.15
C ALA A 28 27.97 9.69 -28.81
N GLU A 29 27.95 9.61 -30.14
CA GLU A 29 27.97 8.28 -30.76
C GLU A 29 29.25 7.54 -30.40
N GLN A 30 30.36 8.26 -30.29
N GLN A 30 30.37 8.25 -30.31
CA GLN A 30 31.63 7.63 -29.96
CA GLN A 30 31.63 7.59 -29.95
C GLN A 30 31.63 7.13 -28.52
C GLN A 30 31.60 7.11 -28.51
N VAL A 31 31.11 7.95 -27.60
CA VAL A 31 31.10 7.59 -26.18
C VAL A 31 30.11 6.45 -25.92
N LEU A 32 28.93 6.52 -26.54
CA LEU A 32 27.98 5.43 -26.40
C LEU A 32 28.52 4.14 -26.99
N PHE A 33 29.14 4.21 -28.17
CA PHE A 33 29.66 2.98 -28.78
C PHE A 33 30.66 2.29 -27.86
N GLN A 34 31.60 3.05 -27.26
CA GLN A 34 32.63 2.40 -26.45
C GLN A 34 32.01 1.74 -25.21
N SER A 35 30.98 2.36 -24.66
CA SER A 35 30.24 1.83 -23.54
C SER A 35 29.44 0.57 -23.92
N VAL A 36 28.70 0.60 -25.02
CA VAL A 36 27.96 -0.60 -25.43
C VAL A 36 28.93 -1.74 -25.77
N ALA A 37 30.06 -1.42 -26.41
CA ALA A 37 31.00 -2.47 -26.79
C ALA A 37 31.61 -3.15 -25.57
N ALA A 38 31.97 -2.36 -24.57
CA ALA A 38 32.53 -2.93 -23.34
C ALA A 38 31.49 -3.77 -22.62
N SER A 39 30.22 -3.33 -22.62
CA SER A 39 29.15 -4.14 -22.06
C SER A 39 28.97 -5.45 -22.83
N TRP A 40 29.09 -5.42 -24.16
CA TRP A 40 29.00 -6.65 -24.95
C TRP A 40 30.11 -7.62 -24.60
N ALA A 41 31.35 -7.12 -24.52
CA ALA A 41 32.48 -7.97 -24.19
C ALA A 41 32.29 -8.64 -22.83
N HIS A 42 31.69 -7.93 -21.88
CA HIS A 42 31.48 -8.53 -20.57
C HIS A 42 30.34 -9.55 -20.61
N ASP A 43 29.19 -9.16 -21.20
CA ASP A 43 28.01 -10.01 -21.12
C ASP A 43 28.14 -11.29 -21.94
N THR A 44 29.00 -11.34 -22.96
CA THR A 44 29.28 -12.57 -23.69
C THR A 44 30.52 -13.31 -23.17
N ASN A 45 31.11 -12.85 -22.06
CA ASN A 45 32.40 -13.34 -21.56
C ASN A 45 32.62 -12.76 -20.16
N ILE A 46 31.90 -13.26 -19.15
CA ILE A 46 31.93 -12.63 -17.83
C ILE A 46 33.30 -12.92 -17.23
N THR A 47 34.15 -11.89 -17.09
CA THR A 47 35.42 -12.01 -16.38
C THR A 47 35.68 -10.74 -15.58
N ALA A 48 36.57 -10.87 -14.59
CA ALA A 48 36.92 -9.71 -13.77
C ALA A 48 37.52 -8.61 -14.62
N GLU A 49 38.38 -8.97 -15.57
CA GLU A 49 38.98 -7.96 -16.43
C GLU A 49 37.94 -7.27 -17.30
N ASN A 50 37.00 -8.02 -17.87
CA ASN A 50 35.97 -7.40 -18.70
C ASN A 50 35.07 -6.49 -17.87
N ALA A 51 34.80 -6.86 -16.61
CA ALA A 51 34.05 -5.97 -15.73
C ALA A 51 34.81 -4.68 -15.43
N ARG A 52 36.12 -4.79 -15.20
CA ARG A 52 36.93 -3.59 -15.00
C ARG A 52 36.83 -2.66 -16.20
N ARG A 53 36.93 -3.22 -17.41
CA ARG A 53 36.87 -2.39 -18.61
C ARG A 53 35.49 -1.76 -18.77
N GLN A 54 34.43 -2.49 -18.43
CA GLN A 54 33.09 -1.93 -18.54
C GLN A 54 32.88 -0.79 -17.54
N GLU A 55 33.45 -0.90 -16.33
CA GLU A 55 33.33 0.18 -15.35
C GLU A 55 34.07 1.42 -15.80
N GLU A 56 35.25 1.26 -16.39
CA GLU A 56 35.96 2.42 -16.94
C GLU A 56 35.18 3.08 -18.05
N ALA A 57 34.53 2.29 -18.92
CA ALA A 57 33.72 2.89 -19.96
C ALA A 57 32.53 3.63 -19.38
N ALA A 58 31.89 3.04 -18.37
CA ALA A 58 30.78 3.73 -17.72
C ALA A 58 31.24 5.05 -17.09
N LEU A 59 32.45 5.07 -16.51
CA LEU A 59 32.95 6.31 -15.92
C LEU A 59 33.15 7.37 -16.99
N LEU A 60 33.68 6.96 -18.14
CA LEU A 60 33.86 7.91 -19.23
C LEU A 60 32.51 8.47 -19.66
N SER A 61 31.50 7.59 -19.82
CA SER A 61 30.15 8.07 -20.14
C SER A 61 29.67 9.12 -19.15
N GLN A 62 29.91 8.91 -17.85
CA GLN A 62 29.46 9.89 -16.85
C GLN A 62 30.22 11.21 -16.97
N GLU A 63 31.51 11.15 -17.27
CA GLU A 63 32.30 12.37 -17.45
C GLU A 63 31.77 13.19 -18.64
N PHE A 64 31.52 12.52 -19.76
CA PHE A 64 30.89 13.14 -20.93
C PHE A 64 29.53 13.75 -20.57
N ALA A 65 28.68 12.98 -19.89
CA ALA A 65 27.32 13.46 -19.60
C ALA A 65 27.34 14.69 -18.70
N GLU A 66 28.26 14.73 -17.74
CA GLU A 66 28.38 15.89 -16.86
C GLU A 66 28.82 17.13 -17.63
N ALA A 67 29.84 17.00 -18.48
CA ALA A 67 30.35 18.16 -19.21
C ALA A 67 29.28 18.75 -20.11
N TRP A 68 28.63 17.91 -20.93
CA TRP A 68 27.63 18.43 -21.85
C TRP A 68 26.35 18.83 -21.12
N GLY A 69 26.01 18.12 -20.04
CA GLY A 69 24.89 18.53 -19.20
C GLY A 69 25.09 19.89 -18.54
N GLN A 70 26.29 20.13 -17.99
CA GLN A 70 26.54 21.44 -17.38
C GLN A 70 26.57 22.54 -18.43
N LYS A 71 27.13 22.27 -19.61
CA LYS A 71 27.15 23.29 -20.66
C LYS A 71 25.73 23.62 -21.11
N ALA A 72 24.87 22.61 -21.22
CA ALA A 72 23.48 22.86 -21.61
C ALA A 72 22.77 23.79 -20.63
N LYS A 73 23.01 23.59 -19.33
CA LYS A 73 22.34 24.43 -18.34
C LYS A 73 22.95 25.82 -18.32
N GLU A 74 24.28 25.90 -18.41
CA GLU A 74 24.94 27.20 -18.49
C GLU A 74 24.30 28.09 -19.54
N LEU A 75 24.03 27.54 -20.73
CA LEU A 75 23.63 28.34 -21.88
C LEU A 75 22.11 28.46 -22.04
N TYR A 76 21.34 27.46 -21.60
CA TYR A 76 19.96 27.33 -22.02
C TYR A 76 18.96 27.12 -20.88
N GLU A 77 19.41 27.02 -19.63
CA GLU A 77 18.48 26.69 -18.55
C GLU A 77 17.22 27.57 -18.54
N PRO A 78 17.30 28.89 -18.70
CA PRO A 78 16.09 29.72 -18.62
C PRO A 78 15.30 29.89 -19.92
N ILE A 79 15.64 29.20 -21.01
CA ILE A 79 15.03 29.48 -22.30
C ILE A 79 14.65 28.23 -23.10
N TRP A 80 15.16 27.05 -22.71
CA TRP A 80 14.98 25.88 -23.58
C TRP A 80 13.51 25.47 -23.66
N GLN A 81 12.73 25.70 -22.61
CA GLN A 81 11.34 25.27 -22.59
C GLN A 81 10.47 26.12 -23.48
N GLN A 82 10.95 27.28 -23.90
CA GLN A 82 10.23 28.18 -24.80
C GLN A 82 10.75 28.11 -26.24
N PHE A 83 11.68 27.21 -26.54
CA PHE A 83 12.17 27.06 -27.92
C PHE A 83 11.01 26.69 -28.86
N THR A 84 11.15 27.10 -30.12
CA THR A 84 10.11 26.84 -31.12
C THR A 84 10.15 25.42 -31.66
N ASP A 85 11.35 24.87 -31.82
CA ASP A 85 11.56 23.53 -32.37
C ASP A 85 11.22 22.51 -31.30
N PRO A 86 10.14 21.75 -31.44
CA PRO A 86 9.79 20.78 -30.40
C PRO A 86 10.80 19.64 -30.25
N GLN A 87 11.42 19.20 -31.34
CA GLN A 87 12.41 18.15 -31.24
C GLN A 87 13.65 18.66 -30.50
N LEU A 88 14.01 19.92 -30.71
CA LEU A 88 15.17 20.49 -30.02
C LEU A 88 14.91 20.61 -28.52
N ARG A 89 13.70 21.00 -28.11
CA ARG A 89 13.38 20.96 -26.69
C ARG A 89 13.60 19.57 -26.11
N ARG A 90 13.12 18.54 -26.81
CA ARG A 90 13.26 17.18 -26.27
C ARG A 90 14.73 16.80 -26.16
N ILE A 91 15.57 17.23 -27.11
CA ILE A 91 16.99 16.92 -27.07
C ILE A 91 17.66 17.64 -25.89
N ILE A 92 17.38 18.94 -25.76
CA ILE A 92 17.98 19.69 -24.64
C ILE A 92 17.48 19.15 -23.31
N GLY A 93 16.18 18.85 -23.22
CA GLY A 93 15.64 18.31 -21.98
C GLY A 93 16.35 17.04 -21.54
N ALA A 94 16.76 16.20 -22.50
CA ALA A 94 17.45 14.95 -22.20
C ALA A 94 18.91 15.21 -21.79
N VAL A 95 19.62 16.10 -22.49
CA VAL A 95 21.04 16.34 -22.20
C VAL A 95 21.22 16.95 -20.82
N ARG A 96 20.28 17.77 -20.36
CA ARG A 96 20.40 18.39 -19.04
C ARG A 96 20.05 17.46 -17.88
N THR A 97 19.60 16.24 -18.16
CA THR A 97 19.30 15.25 -17.13
C THR A 97 20.56 14.40 -16.94
N LEU A 98 21.20 14.52 -15.77
CA LEU A 98 22.52 13.91 -15.57
C LEU A 98 22.47 12.53 -14.93
N GLY A 99 21.43 12.21 -14.18
CA GLY A 99 21.35 10.91 -13.53
C GLY A 99 22.56 10.68 -12.65
N SER A 100 23.16 9.48 -12.82
CA SER A 100 24.32 9.11 -12.00
C SER A 100 25.52 10.04 -12.18
N ALA A 101 25.58 10.79 -13.27
CA ALA A 101 26.65 11.79 -13.42
C ALA A 101 26.53 12.93 -12.43
N ASN A 102 25.44 13.02 -11.67
CA ASN A 102 25.36 13.99 -10.59
C ASN A 102 26.19 13.60 -9.39
N LEU A 103 26.53 12.32 -9.25
CA LEU A 103 27.28 11.87 -8.08
C LEU A 103 28.74 12.32 -8.15
N PRO A 104 29.37 12.57 -7.00
CA PRO A 104 30.83 12.76 -7.01
C PRO A 104 31.57 11.50 -7.44
N LEU A 105 32.82 11.69 -7.88
CA LEU A 105 33.60 10.60 -8.47
C LEU A 105 33.56 9.32 -7.64
N ALA A 106 33.86 9.42 -6.35
CA ALA A 106 33.95 8.22 -5.52
C ALA A 106 32.62 7.47 -5.53
N LYS A 107 31.49 8.20 -5.48
CA LYS A 107 30.19 7.56 -5.50
C LYS A 107 29.84 7.04 -6.89
N ARG A 108 30.30 7.69 -7.97
CA ARG A 108 30.14 7.13 -9.31
C ARG A 108 30.82 5.78 -9.43
N GLN A 109 32.04 5.67 -8.90
CA GLN A 109 32.75 4.40 -8.95
C GLN A 109 32.03 3.34 -8.11
N GLN A 110 31.51 3.72 -6.94
CA GLN A 110 30.73 2.78 -6.13
C GLN A 110 29.49 2.32 -6.88
N TYR A 111 28.78 3.25 -7.52
CA TYR A 111 27.56 2.93 -8.26
C TYR A 111 27.85 1.94 -9.40
N ASN A 112 28.89 2.22 -10.20
CA ASN A 112 29.22 1.39 -11.34
C ASN A 112 29.64 0.00 -10.89
N ALA A 113 30.38 -0.08 -9.78
CA ALA A 113 30.79 -1.37 -9.26
C ALA A 113 29.61 -2.18 -8.76
N LEU A 114 28.63 -1.53 -8.13
CA LEU A 114 27.45 -2.26 -7.67
C LEU A 114 26.67 -2.85 -8.85
N LEU A 115 26.48 -2.08 -9.92
CA LEU A 115 25.81 -2.62 -11.10
C LEU A 115 26.55 -3.84 -11.64
N SER A 116 27.88 -3.79 -11.67
N SER A 116 27.89 -3.78 -11.69
CA SER A 116 28.66 -4.90 -12.21
CA SER A 116 28.67 -4.90 -12.20
C SER A 116 28.53 -6.14 -11.32
C SER A 116 28.50 -6.13 -11.31
N GLN A 117 28.63 -5.95 -10.00
CA GLN A 117 28.60 -7.10 -9.09
C GLN A 117 27.21 -7.71 -9.03
N MET A 118 26.16 -6.87 -9.10
CA MET A 118 24.80 -7.43 -9.11
C MET A 118 24.55 -8.23 -10.38
N SER A 119 25.07 -7.75 -11.51
CA SER A 119 24.90 -8.50 -12.76
C SER A 119 25.63 -9.84 -12.71
N ARG A 120 26.86 -9.84 -12.18
CA ARG A 120 27.64 -11.07 -12.09
C ARG A 120 26.99 -12.08 -11.16
N ILE A 121 26.47 -11.62 -10.03
CA ILE A 121 25.83 -12.54 -9.09
C ILE A 121 24.63 -13.22 -9.74
N TYR A 122 23.76 -12.44 -10.39
CA TYR A 122 22.57 -13.03 -11.00
C TYR A 122 22.95 -14.03 -12.09
N SER A 123 23.88 -13.69 -12.97
CA SER A 123 24.08 -14.51 -14.16
C SER A 123 25.09 -15.64 -13.97
N THR A 124 25.74 -15.74 -12.80
CA THR A 124 26.59 -16.90 -12.51
C THR A 124 26.09 -17.74 -11.35
N ALA A 125 24.96 -17.39 -10.74
CA ALA A 125 24.41 -18.22 -9.66
C ALA A 125 24.09 -19.62 -10.18
N LYS A 126 24.32 -20.63 -9.31
CA LYS A 126 24.10 -22.03 -9.63
C LYS A 126 23.38 -22.72 -8.47
N VAL A 127 22.74 -23.85 -8.79
CA VAL A 127 22.13 -24.71 -7.78
C VAL A 127 22.87 -26.05 -7.84
N CYS A 128 23.44 -26.46 -6.71
CA CYS A 128 24.27 -27.66 -6.65
C CYS A 128 23.62 -28.74 -5.80
N LEU A 129 23.83 -29.99 -6.19
CA LEU A 129 23.18 -31.14 -5.54
C LEU A 129 24.00 -31.72 -4.39
N THR A 135 28.76 -30.67 -9.11
CA THR A 135 27.55 -30.97 -9.89
C THR A 135 26.49 -29.88 -9.71
N CYS A 136 26.39 -28.94 -10.66
CA CYS A 136 25.60 -27.73 -10.46
C CYS A 136 24.81 -27.31 -11.68
N TRP A 137 23.57 -26.93 -11.46
CA TRP A 137 22.66 -26.51 -12.52
C TRP A 137 22.63 -25.00 -12.64
N SER A 138 22.64 -24.50 -13.87
CA SER A 138 22.45 -23.09 -14.17
C SER A 138 20.99 -22.80 -14.45
N LEU A 139 20.63 -21.51 -14.41
CA LEU A 139 19.23 -21.14 -14.66
C LEU A 139 18.83 -21.48 -16.10
N ASP A 140 19.64 -21.06 -17.06
CA ASP A 140 19.42 -21.34 -18.48
C ASP A 140 20.53 -22.24 -18.99
N PRO A 141 20.26 -23.48 -19.40
CA PRO A 141 18.95 -24.11 -19.60
C PRO A 141 18.42 -25.00 -18.48
N ASP A 142 19.26 -25.37 -17.51
CA ASP A 142 18.97 -26.50 -16.63
C ASP A 142 17.71 -26.26 -15.79
N LEU A 143 17.70 -25.19 -14.99
CA LEU A 143 16.55 -24.98 -14.11
C LEU A 143 15.31 -24.61 -14.92
N THR A 144 15.48 -23.86 -16.01
CA THR A 144 14.36 -23.52 -16.87
C THR A 144 13.66 -24.78 -17.37
N ASN A 145 14.45 -25.76 -17.85
CA ASN A 145 13.86 -26.99 -18.38
C ASN A 145 13.18 -27.81 -17.29
N ILE A 146 13.71 -27.77 -16.06
CA ILE A 146 13.04 -28.44 -14.94
C ILE A 146 11.67 -27.82 -14.68
N LEU A 147 11.62 -26.48 -14.53
CA LEU A 147 10.34 -25.83 -14.22
C LEU A 147 9.31 -26.06 -15.32
N ALA A 148 9.74 -26.20 -16.57
CA ALA A 148 8.79 -26.34 -17.69
C ALA A 148 8.29 -27.77 -17.89
N SER A 149 9.09 -28.78 -17.59
CA SER A 149 8.73 -30.15 -17.97
C SER A 149 8.61 -31.14 -16.82
N SER A 150 9.16 -30.87 -15.65
CA SER A 150 8.98 -31.79 -14.53
C SER A 150 7.58 -31.63 -13.94
N ARG A 151 7.01 -32.76 -13.51
CA ARG A 151 5.72 -32.77 -12.82
C ARG A 151 5.84 -33.40 -11.44
N SER A 152 7.07 -33.44 -10.91
CA SER A 152 7.33 -33.89 -9.56
C SER A 152 7.36 -32.70 -8.63
N TYR A 153 6.39 -32.62 -7.73
CA TYR A 153 6.32 -31.53 -6.78
C TYR A 153 7.65 -31.32 -6.07
N ALA A 154 8.38 -32.40 -5.79
CA ALA A 154 9.60 -32.28 -4.99
C ALA A 154 10.76 -31.75 -5.80
N MET A 155 10.85 -32.18 -7.07
CA MET A 155 11.91 -31.70 -7.97
C MET A 155 11.69 -30.25 -8.35
N LEU A 156 10.44 -29.86 -8.56
CA LEU A 156 10.13 -28.46 -8.82
C LEU A 156 10.44 -27.60 -7.61
N LEU A 157 10.15 -28.11 -6.41
CA LEU A 157 10.45 -27.37 -5.19
C LEU A 157 11.96 -27.19 -5.01
N PHE A 158 12.74 -28.24 -5.30
CA PHE A 158 14.19 -28.14 -5.15
C PHE A 158 14.76 -27.07 -6.08
N ALA A 159 14.23 -27.02 -7.31
CA ALA A 159 14.73 -26.06 -8.29
C ALA A 159 14.29 -24.64 -7.94
N TRP A 160 13.02 -24.46 -7.55
CA TRP A 160 12.51 -23.12 -7.18
C TRP A 160 13.22 -22.56 -5.95
N GLU A 161 13.30 -23.35 -4.88
CA GLU A 161 13.96 -22.89 -3.67
C GLU A 161 15.43 -22.66 -3.91
N GLY A 162 16.08 -23.60 -4.61
CA GLY A 162 17.50 -23.46 -4.89
C GLY A 162 17.82 -22.19 -5.62
N TRP A 163 17.06 -21.87 -6.68
CA TRP A 163 17.32 -20.65 -7.45
C TRP A 163 17.07 -19.40 -6.60
N HIS A 164 15.94 -19.33 -5.90
CA HIS A 164 15.63 -18.11 -5.15
C HIS A 164 16.66 -17.85 -4.04
N ASN A 165 17.12 -18.90 -3.37
CA ASN A 165 18.15 -18.74 -2.33
C ASN A 165 19.51 -18.34 -2.93
N ALA A 166 19.89 -18.94 -4.06
CA ALA A 166 21.22 -18.74 -4.63
C ALA A 166 21.41 -17.35 -5.19
N ALA A 167 20.40 -16.84 -5.91
CA ALA A 167 20.46 -15.52 -6.53
C ALA A 167 20.09 -14.41 -5.55
N GLY A 168 19.02 -14.60 -4.76
CA GLY A 168 18.47 -13.49 -3.97
C GLY A 168 19.26 -13.10 -2.73
N ILE A 169 19.68 -14.08 -1.94
CA ILE A 169 20.29 -13.79 -0.63
C ILE A 169 21.55 -12.95 -0.76
N PRO A 170 22.52 -13.27 -1.63
CA PRO A 170 23.72 -12.41 -1.73
C PRO A 170 23.47 -11.03 -2.37
N LEU A 171 22.37 -10.85 -3.10
CA LEU A 171 22.10 -9.54 -3.71
C LEU A 171 21.61 -8.49 -2.72
N LYS A 172 21.04 -8.89 -1.59
CA LYS A 172 20.28 -7.91 -0.80
C LYS A 172 21.13 -6.73 -0.32
N PRO A 173 22.33 -6.92 0.26
CA PRO A 173 23.07 -5.74 0.75
C PRO A 173 23.49 -4.82 -0.39
N LEU A 174 23.80 -5.37 -1.57
CA LEU A 174 24.15 -4.55 -2.72
C LEU A 174 22.95 -3.72 -3.21
N TYR A 175 21.75 -4.33 -3.21
CA TYR A 175 20.55 -3.64 -3.71
C TYR A 175 20.18 -2.46 -2.81
N GLU A 176 20.34 -2.62 -1.49
N GLU A 176 20.34 -2.61 -1.50
CA GLU A 176 20.13 -1.52 -0.57
CA GLU A 176 20.11 -1.49 -0.59
C GLU A 176 21.04 -0.34 -0.89
C GLU A 176 21.03 -0.33 -0.92
N ASP A 177 22.33 -0.60 -1.08
CA ASP A 177 23.29 0.45 -1.38
C ASP A 177 23.02 1.10 -2.73
N PHE A 178 22.67 0.28 -3.74
CA PHE A 178 22.31 0.78 -5.06
C PHE A 178 21.11 1.75 -4.97
N THR A 179 20.07 1.38 -4.23
CA THR A 179 18.86 2.22 -4.14
C THR A 179 19.19 3.60 -3.58
N ALA A 180 19.97 3.65 -2.50
CA ALA A 180 20.30 4.94 -1.91
C ALA A 180 21.12 5.82 -2.87
N LEU A 181 22.11 5.25 -3.56
CA LEU A 181 22.89 6.06 -4.49
C LEU A 181 22.05 6.51 -5.69
N SER A 182 21.18 5.66 -6.19
CA SER A 182 20.32 6.03 -7.32
C SER A 182 19.43 7.22 -6.95
N ASN A 183 18.81 7.16 -5.77
CA ASN A 183 17.97 8.25 -5.30
C ASN A 183 18.78 9.53 -5.12
N GLU A 184 19.99 9.44 -4.55
N GLU A 184 19.98 9.43 -4.53
CA GLU A 184 20.82 10.64 -4.39
CA GLU A 184 20.86 10.59 -4.40
C GLU A 184 21.11 11.29 -5.74
C GLU A 184 21.06 11.27 -5.75
N ALA A 185 21.36 10.48 -6.78
CA ALA A 185 21.66 11.00 -8.11
C ALA A 185 20.47 11.75 -8.70
N TYR A 186 19.28 11.12 -8.71
CA TYR A 186 18.14 11.73 -9.40
C TYR A 186 17.46 12.84 -8.58
N LYS A 187 17.68 12.88 -7.26
CA LYS A 187 17.24 14.05 -6.49
C LYS A 187 17.89 15.33 -7.02
N GLN A 188 19.13 15.24 -7.52
CA GLN A 188 19.82 16.39 -8.09
C GLN A 188 19.27 16.82 -9.46
N ASP A 189 18.49 15.99 -10.11
CA ASP A 189 17.76 16.38 -11.32
C ASP A 189 16.40 16.96 -10.98
N GLY A 190 16.03 16.97 -9.70
CA GLY A 190 14.76 17.51 -9.27
C GLY A 190 13.65 16.50 -8.98
N PHE A 191 13.92 15.20 -9.03
CA PHE A 191 12.90 14.19 -8.75
C PHE A 191 12.93 13.76 -7.29
N THR A 192 11.76 13.51 -6.72
CA THR A 192 11.70 13.09 -5.32
C THR A 192 12.38 11.75 -5.06
N ASP A 193 12.33 10.83 -6.05
CA ASP A 193 13.06 9.57 -5.98
C ASP A 193 13.15 9.01 -7.39
N THR A 194 13.91 7.90 -7.53
CA THR A 194 14.19 7.33 -8.85
C THR A 194 12.90 6.88 -9.54
N GLY A 195 11.93 6.36 -8.78
CA GLY A 195 10.67 5.91 -9.35
C GLY A 195 9.93 7.04 -10.04
N ALA A 196 9.98 8.25 -9.45
CA ALA A 196 9.32 9.42 -10.06
C ALA A 196 9.95 9.76 -11.40
N TYR A 197 11.27 9.63 -11.51
CA TYR A 197 11.93 9.82 -12.79
C TYR A 197 11.51 8.75 -13.80
N TRP A 198 11.49 7.48 -13.40
CA TRP A 198 11.04 6.43 -14.33
C TRP A 198 9.60 6.69 -14.83
N ARG A 199 8.68 7.07 -13.94
CA ARG A 199 7.29 7.28 -14.35
C ARG A 199 7.15 8.50 -15.27
N SER A 200 8.08 9.46 -15.17
CA SER A 200 7.99 10.69 -15.94
C SER A 200 8.12 10.46 -17.45
N TRP A 201 8.67 9.32 -17.86
CA TRP A 201 8.80 9.02 -19.28
C TRP A 201 7.46 8.95 -20.00
N TYR A 202 6.36 8.75 -19.27
CA TYR A 202 5.05 8.59 -19.91
C TYR A 202 4.31 9.91 -20.02
N ASN A 203 4.86 10.99 -19.48
N ASN A 203 4.85 10.98 -19.45
CA ASN A 203 4.26 12.33 -19.60
CA ASN A 203 4.28 12.33 -19.56
C ASN A 203 2.74 12.28 -19.42
C ASN A 203 2.76 12.29 -19.41
N SER A 204 2.32 11.73 -18.28
CA SER A 204 0.91 11.67 -17.94
C SER A 204 0.74 11.93 -16.44
N PRO A 205 0.13 13.05 -16.03
CA PRO A 205 0.01 13.31 -14.59
C PRO A 205 -0.87 12.31 -13.87
N THR A 206 -1.69 11.56 -14.59
CA THR A 206 -2.57 10.57 -13.99
C THR A 206 -2.14 9.14 -14.31
N PHE A 207 -0.82 8.89 -14.43
CA PHE A 207 -0.33 7.58 -14.88
C PHE A 207 -0.79 6.46 -13.97
N GLU A 208 -0.56 6.60 -12.65
CA GLU A 208 -0.84 5.49 -11.73
C GLU A 208 -2.34 5.19 -11.65
N ASP A 209 -3.18 6.22 -11.63
CA ASP A 209 -4.63 5.99 -11.66
C ASP A 209 -5.09 5.36 -12.98
N ASP A 210 -4.48 5.76 -14.11
CA ASP A 210 -4.89 5.21 -15.38
C ASP A 210 -4.57 3.71 -15.46
N LEU A 211 -3.41 3.31 -14.91
CA LEU A 211 -3.05 1.89 -14.90
C LEU A 211 -4.00 1.09 -14.01
N GLU A 212 -4.31 1.63 -12.83
N GLU A 212 -4.32 1.61 -12.84
CA GLU A 212 -5.25 0.98 -11.92
CA GLU A 212 -5.25 0.90 -11.95
C GLU A 212 -6.62 0.77 -12.58
C GLU A 212 -6.62 0.74 -12.60
N HIS A 213 -7.05 1.72 -13.40
CA HIS A 213 -8.36 1.58 -14.07
C HIS A 213 -8.31 0.51 -15.16
N LEU A 214 -7.19 0.40 -15.87
CA LEU A 214 -7.00 -0.68 -16.83
C LEU A 214 -7.05 -2.03 -16.13
N TYR A 215 -6.31 -2.16 -15.02
CA TYR A 215 -6.26 -3.44 -14.34
C TYR A 215 -7.64 -3.86 -13.80
N GLN A 216 -8.46 -2.90 -13.36
CA GLN A 216 -9.84 -3.25 -12.95
C GLN A 216 -10.61 -3.93 -14.06
N GLN A 217 -10.39 -3.54 -15.32
CA GLN A 217 -11.11 -4.15 -16.44
C GLN A 217 -10.59 -5.54 -16.75
N LEU A 218 -9.31 -5.78 -16.48
CA LEU A 218 -8.65 -7.02 -16.84
C LEU A 218 -8.74 -8.09 -15.75
N GLU A 219 -8.86 -7.69 -14.48
CA GLU A 219 -8.78 -8.63 -13.38
C GLU A 219 -9.77 -9.80 -13.47
N PRO A 220 -11.04 -9.60 -13.85
CA PRO A 220 -11.95 -10.77 -13.95
C PRO A 220 -11.46 -11.85 -14.90
N LEU A 221 -10.81 -11.47 -15.99
CA LEU A 221 -10.28 -12.49 -16.93
C LEU A 221 -9.20 -13.31 -16.23
N TYR A 222 -8.32 -12.65 -15.48
CA TYR A 222 -7.30 -13.39 -14.74
C TYR A 222 -7.92 -14.26 -13.66
N LEU A 223 -8.88 -13.74 -12.90
CA LEU A 223 -9.47 -14.54 -11.82
C LEU A 223 -10.05 -15.85 -12.37
N ASN A 224 -10.68 -15.80 -13.54
CA ASN A 224 -11.29 -17.01 -14.11
C ASN A 224 -10.26 -17.95 -14.69
N LEU A 225 -9.23 -17.45 -15.37
CA LEU A 225 -8.14 -18.34 -15.80
C LEU A 225 -7.48 -19.03 -14.61
N HIS A 226 -7.24 -18.27 -13.53
CA HIS A 226 -6.61 -18.80 -12.33
C HIS A 226 -7.42 -19.95 -11.74
N ALA A 227 -8.72 -19.75 -11.58
CA ALA A 227 -9.55 -20.77 -10.94
C ALA A 227 -9.60 -22.06 -11.76
N PHE A 228 -9.63 -21.91 -13.10
CA PHE A 228 -9.68 -23.05 -14.01
C PHE A 228 -8.39 -23.84 -13.95
N VAL A 229 -7.25 -23.14 -14.02
CA VAL A 229 -5.94 -23.79 -13.91
C VAL A 229 -5.74 -24.44 -12.55
N ARG A 230 -6.15 -23.74 -11.47
CA ARG A 230 -6.04 -24.32 -10.13
C ARG A 230 -6.75 -25.68 -10.06
N ARG A 231 -7.94 -25.77 -10.67
CA ARG A 231 -8.69 -27.03 -10.70
C ARG A 231 -7.91 -28.13 -11.40
N ALA A 232 -7.34 -27.82 -12.57
CA ALA A 232 -6.50 -28.78 -13.28
C ALA A 232 -5.34 -29.25 -12.42
N LEU A 233 -4.66 -28.32 -11.72
CA LEU A 233 -3.55 -28.72 -10.87
C LEU A 233 -4.01 -29.63 -9.73
N HIS A 234 -5.22 -29.37 -9.21
CA HIS A 234 -5.74 -30.18 -8.11
C HIS A 234 -5.93 -31.63 -8.55
N ARG A 235 -6.43 -31.83 -9.78
CA ARG A 235 -6.63 -33.20 -10.26
C ARG A 235 -5.33 -33.98 -10.40
N ARG A 236 -4.21 -33.28 -10.60
CA ARG A 236 -2.91 -33.94 -10.72
C ARG A 236 -2.13 -34.02 -9.42
N TYR A 237 -2.18 -32.98 -8.59
CA TYR A 237 -1.33 -32.93 -7.40
C TYR A 237 -2.07 -33.30 -6.12
N GLY A 238 -3.39 -33.23 -6.10
CA GLY A 238 -4.16 -33.66 -4.95
C GLY A 238 -4.43 -32.56 -3.95
N ASP A 239 -5.30 -32.89 -2.98
CA ASP A 239 -5.77 -31.91 -2.00
C ASP A 239 -4.69 -31.49 -1.00
N ARG A 240 -3.65 -32.30 -0.83
CA ARG A 240 -2.59 -31.94 0.11
C ARG A 240 -1.78 -30.74 -0.41
N TYR A 241 -1.54 -30.69 -1.71
CA TYR A 241 -0.68 -29.67 -2.29
C TYR A 241 -1.40 -28.55 -3.03
N ILE A 242 -2.72 -28.65 -3.24
CA ILE A 242 -3.53 -27.63 -3.92
C ILE A 242 -4.78 -27.37 -3.08
N ASN A 243 -5.02 -26.10 -2.74
CA ASN A 243 -6.20 -25.66 -1.97
C ASN A 243 -7.13 -24.93 -2.94
N LEU A 244 -8.30 -25.50 -3.18
CA LEU A 244 -9.23 -24.93 -4.14
C LEU A 244 -9.78 -23.58 -3.72
N ARG A 245 -9.48 -23.11 -2.51
CA ARG A 245 -9.88 -21.76 -2.10
C ARG A 245 -8.68 -20.90 -1.68
N GLY A 246 -7.47 -21.34 -1.97
CA GLY A 246 -6.27 -20.59 -1.61
C GLY A 246 -5.32 -20.34 -2.78
N PRO A 247 -4.20 -19.66 -2.51
CA PRO A 247 -3.25 -19.34 -3.59
C PRO A 247 -2.57 -20.58 -4.13
N ILE A 248 -2.15 -20.50 -5.40
CA ILE A 248 -1.46 -21.61 -6.05
C ILE A 248 0.01 -21.61 -5.63
N PRO A 249 0.59 -22.77 -5.26
CA PRO A 249 2.04 -22.79 -4.99
C PRO A 249 2.85 -22.30 -6.18
N ALA A 250 3.83 -21.42 -5.89
CA ALA A 250 4.43 -20.61 -6.95
C ALA A 250 5.34 -21.38 -7.89
N HIS A 251 5.59 -22.68 -7.66
CA HIS A 251 6.53 -23.44 -8.49
C HIS A 251 5.84 -24.40 -9.45
N LEU A 252 4.50 -24.37 -9.56
CA LEU A 252 3.77 -25.37 -10.32
C LEU A 252 3.21 -24.88 -11.65
N LEU A 253 3.61 -23.69 -12.14
CA LEU A 253 2.95 -23.08 -13.30
C LEU A 253 3.83 -23.06 -14.54
N GLY A 254 4.95 -23.79 -14.56
CA GLY A 254 5.76 -23.98 -15.74
C GLY A 254 6.92 -23.05 -15.92
N ASP A 255 7.08 -22.08 -15.02
CA ASP A 255 7.98 -20.94 -15.19
C ASP A 255 8.48 -20.53 -13.81
N MET A 256 9.77 -20.17 -13.74
CA MET A 256 10.41 -19.86 -12.45
C MET A 256 9.70 -18.71 -11.71
N TRP A 257 9.11 -17.76 -12.43
CA TRP A 257 8.41 -16.63 -11.81
C TRP A 257 6.89 -16.76 -11.87
N ALA A 258 6.36 -17.90 -12.36
CA ALA A 258 4.91 -18.05 -12.56
C ALA A 258 4.34 -16.92 -13.43
N GLN A 259 5.13 -16.36 -14.34
CA GLN A 259 4.71 -15.17 -15.09
C GLN A 259 4.08 -15.49 -16.45
N THR A 260 4.33 -16.67 -16.96
CA THR A 260 3.67 -17.18 -18.16
C THR A 260 3.46 -18.67 -17.91
N TRP A 261 2.26 -19.16 -18.25
CA TRP A 261 1.83 -20.50 -17.89
C TRP A 261 1.75 -21.41 -19.11
N SER A 262 2.36 -21.02 -20.23
CA SER A 262 2.28 -21.80 -21.48
C SER A 262 2.70 -23.26 -21.31
N ASN A 263 3.67 -23.55 -20.44
CA ASN A 263 4.23 -24.90 -20.32
C ASN A 263 3.29 -25.90 -19.65
N ILE A 264 2.19 -25.48 -19.05
CA ILE A 264 1.22 -26.43 -18.47
C ILE A 264 -0.01 -26.58 -19.38
N TYR A 265 0.08 -26.11 -20.62
CA TYR A 265 -1.03 -26.23 -21.56
C TYR A 265 -1.52 -27.67 -21.67
N ASP A 266 -0.60 -28.65 -21.64
CA ASP A 266 -1.06 -30.03 -21.80
C ASP A 266 -1.99 -30.47 -20.68
N MET A 267 -1.93 -29.83 -19.51
CA MET A 267 -2.82 -30.21 -18.43
C MET A 267 -4.17 -29.52 -18.47
N VAL A 268 -4.32 -28.47 -19.27
CA VAL A 268 -5.55 -27.67 -19.26
C VAL A 268 -6.31 -27.71 -20.58
N VAL A 269 -5.71 -28.21 -21.65
CA VAL A 269 -6.31 -28.14 -22.99
C VAL A 269 -7.69 -28.81 -22.97
N PRO A 270 -8.75 -28.08 -23.32
CA PRO A 270 -10.10 -28.68 -23.20
C PRO A 270 -10.48 -29.68 -24.30
N PHE A 271 -9.94 -29.58 -25.52
CA PHE A 271 -10.38 -30.42 -26.64
C PHE A 271 -9.16 -31.06 -27.29
N PRO A 272 -8.62 -32.12 -26.67
CA PRO A 272 -7.32 -32.65 -27.10
C PRO A 272 -7.30 -33.43 -28.41
N ASP A 273 -8.43 -33.77 -29.04
CA ASP A 273 -8.34 -34.43 -30.34
C ASP A 273 -8.40 -33.44 -31.50
N LYS A 274 -8.41 -32.13 -31.22
CA LYS A 274 -8.18 -31.11 -32.23
C LYS A 274 -6.68 -31.00 -32.48
N PRO A 275 -6.27 -30.24 -33.50
CA PRO A 275 -4.82 -30.17 -33.81
C PRO A 275 -4.00 -29.72 -32.62
N ASN A 276 -2.78 -30.26 -32.51
CA ASN A 276 -1.93 -30.06 -31.35
C ASN A 276 -1.14 -28.76 -31.51
N LEU A 277 -1.51 -27.75 -30.73
CA LEU A 277 -0.94 -26.41 -30.89
C LEU A 277 0.43 -26.26 -30.23
N ASP A 278 0.87 -27.22 -29.43
CA ASP A 278 2.23 -27.17 -28.87
C ASP A 278 3.15 -27.78 -29.90
N VAL A 279 3.64 -26.91 -30.79
CA VAL A 279 4.41 -27.38 -31.95
C VAL A 279 5.87 -27.60 -31.61
N THR A 280 6.28 -27.46 -30.35
CA THR A 280 7.69 -27.71 -30.00
C THR A 280 8.14 -29.09 -30.48
N SER A 281 7.31 -30.12 -30.27
CA SER A 281 7.68 -31.47 -30.71
C SER A 281 7.99 -31.51 -32.19
N THR A 282 7.16 -30.87 -33.00
CA THR A 282 7.39 -30.83 -34.44
C THR A 282 8.66 -30.08 -34.78
N MET A 283 8.96 -28.98 -34.06
CA MET A 283 10.23 -28.31 -34.34
C MET A 283 11.40 -29.26 -34.08
N LEU A 284 11.35 -29.99 -32.97
CA LEU A 284 12.41 -30.94 -32.66
C LEU A 284 12.45 -32.05 -33.70
N GLN A 285 11.29 -32.64 -33.99
CA GLN A 285 11.22 -33.72 -34.98
C GLN A 285 11.77 -33.28 -36.34
N GLN A 286 11.63 -32.01 -36.69
CA GLN A 286 12.12 -31.50 -37.96
C GLN A 286 13.53 -30.94 -37.93
N GLY A 287 14.18 -30.88 -36.77
CA GLY A 287 15.56 -30.43 -36.73
C GLY A 287 15.77 -28.93 -36.78
N TRP A 288 14.79 -28.15 -36.31
CA TRP A 288 15.00 -26.71 -36.22
C TRP A 288 16.16 -26.42 -35.28
N GLN A 289 16.97 -25.42 -35.63
CA GLN A 289 18.02 -24.90 -34.77
C GLN A 289 17.84 -23.38 -34.62
N ALA A 290 18.69 -22.78 -33.78
CA ALA A 290 18.59 -21.34 -33.53
C ALA A 290 18.59 -20.53 -34.83
N THR A 291 19.50 -20.83 -35.75
CA THR A 291 19.58 -19.94 -36.92
C THR A 291 18.32 -20.05 -37.80
N HIS A 292 17.67 -21.22 -37.85
CA HIS A 292 16.40 -21.34 -38.55
C HIS A 292 15.36 -20.39 -37.96
N MET A 293 15.28 -20.38 -36.62
CA MET A 293 14.30 -19.55 -35.91
C MET A 293 14.49 -18.08 -36.25
N PHE A 294 15.75 -17.59 -36.24
CA PHE A 294 16.00 -16.18 -36.54
C PHE A 294 15.74 -15.85 -38.00
N ARG A 295 16.02 -16.78 -38.93
CA ARG A 295 15.71 -16.51 -40.33
C ARG A 295 14.21 -16.52 -40.61
N VAL A 296 13.44 -17.38 -39.93
CA VAL A 296 12.00 -17.37 -40.13
C VAL A 296 11.40 -16.07 -39.59
N ALA A 297 11.92 -15.57 -38.47
CA ALA A 297 11.44 -14.30 -37.95
C ALA A 297 11.75 -13.16 -38.92
N GLU A 298 12.97 -13.13 -39.45
CA GLU A 298 13.36 -12.07 -40.38
C GLU A 298 12.45 -12.06 -41.59
N GLU A 299 12.06 -13.24 -42.07
CA GLU A 299 11.30 -13.26 -43.30
C GLU A 299 9.89 -12.74 -43.08
N PHE A 300 9.33 -12.87 -41.86
CA PHE A 300 8.07 -12.17 -41.58
C PHE A 300 8.24 -10.66 -41.72
N PHE A 301 9.30 -10.10 -41.13
CA PHE A 301 9.57 -8.67 -41.27
C PHE A 301 9.71 -8.26 -42.75
N THR A 302 10.48 -9.02 -43.55
CA THR A 302 10.63 -8.61 -44.94
C THR A 302 9.36 -8.83 -45.76
N SER A 303 8.49 -9.77 -45.36
CA SER A 303 7.20 -9.91 -46.04
C SER A 303 6.38 -8.63 -45.96
N LEU A 304 6.59 -7.83 -44.90
CA LEU A 304 5.92 -6.56 -44.74
C LEU A 304 6.67 -5.41 -45.41
N GLU A 305 7.77 -5.69 -46.10
CA GLU A 305 8.67 -4.66 -46.65
C GLU A 305 9.29 -3.81 -45.56
N LEU A 306 9.49 -4.39 -44.39
CA LEU A 306 10.41 -3.86 -43.39
C LEU A 306 11.83 -4.38 -43.69
N SER A 307 12.83 -3.93 -42.91
CA SER A 307 14.23 -4.19 -43.27
C SER A 307 14.68 -5.60 -42.85
N PRO A 308 15.50 -6.28 -43.67
CA PRO A 308 16.16 -7.51 -43.21
C PRO A 308 17.21 -7.17 -42.15
N MET A 309 17.73 -8.20 -41.48
CA MET A 309 18.86 -8.00 -40.55
C MET A 309 20.14 -7.78 -41.35
N PRO A 310 20.98 -6.80 -41.02
CA PRO A 310 22.16 -6.50 -41.83
C PRO A 310 23.27 -7.51 -41.61
N PRO A 311 24.27 -7.55 -42.50
CA PRO A 311 25.38 -8.50 -42.32
C PRO A 311 26.03 -8.38 -40.96
N GLU A 312 26.20 -7.16 -40.47
CA GLU A 312 26.79 -6.93 -39.15
C GLU A 312 26.04 -7.65 -38.03
N PHE A 313 24.71 -7.80 -38.16
CA PHE A 313 23.92 -8.55 -37.19
C PHE A 313 24.26 -10.03 -37.23
N TRP A 314 24.34 -10.62 -38.43
CA TRP A 314 24.60 -12.05 -38.50
C TRP A 314 26.05 -12.35 -38.09
N GLU A 315 26.97 -11.46 -38.44
CA GLU A 315 28.37 -11.74 -38.10
C GLU A 315 28.66 -11.55 -36.62
N GLY A 316 27.89 -10.68 -35.93
CA GLY A 316 28.23 -10.32 -34.57
C GLY A 316 27.42 -10.94 -33.45
N SER A 317 26.21 -11.40 -33.74
CA SER A 317 25.29 -11.85 -32.71
C SER A 317 25.73 -13.16 -32.08
N MET A 318 25.23 -13.39 -30.86
CA MET A 318 25.41 -14.64 -30.14
C MET A 318 24.04 -15.28 -30.03
N LEU A 319 23.79 -16.35 -30.81
CA LEU A 319 22.46 -16.94 -30.93
C LEU A 319 22.32 -18.29 -30.23
N GLU A 320 23.42 -18.82 -29.68
CA GLU A 320 23.40 -20.02 -28.85
C GLU A 320 24.33 -19.79 -27.66
N LYS A 321 24.04 -20.50 -26.59
CA LYS A 321 24.94 -20.51 -25.43
C LYS A 321 26.29 -21.10 -25.84
N PRO A 322 27.40 -20.42 -25.55
CA PRO A 322 28.72 -20.98 -25.88
C PRO A 322 29.00 -22.30 -25.17
N ALA A 323 29.57 -23.23 -25.90
CA ALA A 323 29.91 -24.53 -25.35
C ALA A 323 31.36 -24.65 -24.92
N ASP A 324 32.09 -23.52 -24.87
CA ASP A 324 33.52 -23.54 -24.59
C ASP A 324 33.84 -23.22 -23.13
N GLY A 325 32.92 -23.49 -22.22
CA GLY A 325 33.16 -23.19 -20.82
C GLY A 325 33.24 -21.71 -20.49
N ARG A 326 32.54 -20.87 -21.26
CA ARG A 326 32.42 -19.45 -20.96
C ARG A 326 31.20 -19.20 -20.08
N GLU A 327 31.34 -18.28 -19.13
CA GLU A 327 30.19 -17.71 -18.44
C GLU A 327 29.67 -16.55 -19.27
N VAL A 328 28.36 -16.54 -19.53
CA VAL A 328 27.73 -15.45 -20.26
C VAL A 328 26.45 -15.06 -19.50
N VAL A 329 25.94 -13.88 -19.84
CA VAL A 329 24.58 -13.49 -19.45
C VAL A 329 23.64 -14.13 -20.47
N CYS A 330 22.83 -15.08 -20.04
CA CYS A 330 21.99 -15.80 -21.00
C CYS A 330 20.65 -15.12 -21.27
N HIS A 331 20.17 -14.27 -20.36
CA HIS A 331 18.89 -13.60 -20.56
C HIS A 331 18.90 -12.87 -21.89
N ALA A 332 17.93 -13.17 -22.76
CA ALA A 332 17.92 -12.66 -24.13
C ALA A 332 17.86 -11.13 -24.17
N SER A 333 18.62 -10.52 -25.09
CA SER A 333 18.57 -9.07 -25.20
C SER A 333 19.00 -8.59 -26.58
N ALA A 334 18.53 -7.39 -26.92
CA ALA A 334 18.80 -6.69 -28.17
C ALA A 334 19.69 -5.46 -27.95
N TRP A 335 20.58 -5.18 -28.91
CA TRP A 335 21.67 -4.23 -28.73
C TRP A 335 21.76 -3.23 -29.87
N ASP A 336 21.74 -1.95 -29.53
CA ASP A 336 22.02 -0.84 -30.43
C ASP A 336 23.37 -0.25 -29.99
N PHE A 337 24.37 -0.32 -30.87
CA PHE A 337 25.71 0.22 -30.59
C PHE A 337 25.87 1.71 -30.87
N TYR A 338 24.80 2.39 -31.33
CA TYR A 338 24.77 3.84 -31.54
C TYR A 338 25.80 4.34 -32.56
N ASN A 339 26.22 3.49 -33.50
CA ASN A 339 27.04 3.91 -34.64
C ASN A 339 26.32 3.73 -35.98
N ARG A 340 25.01 3.49 -35.95
CA ARG A 340 24.17 3.33 -37.14
C ARG A 340 24.58 2.13 -38.01
N LYS A 341 25.36 1.19 -37.48
CA LYS A 341 25.86 0.06 -38.26
C LYS A 341 25.82 -1.27 -37.52
N ASP A 342 26.23 -1.28 -36.24
CA ASP A 342 26.27 -2.51 -35.47
C ASP A 342 25.00 -2.66 -34.64
N PHE A 343 24.32 -3.80 -34.82
CA PHE A 343 23.10 -4.16 -34.11
C PHE A 343 23.13 -5.67 -33.88
N ARG A 344 22.85 -6.13 -32.66
CA ARG A 344 22.99 -7.55 -32.37
C ARG A 344 21.96 -8.04 -31.38
N ILE A 345 21.72 -9.35 -31.41
CA ILE A 345 21.00 -10.05 -30.35
C ILE A 345 21.96 -11.02 -29.66
N LYS A 346 21.81 -11.13 -28.33
CA LYS A 346 22.51 -12.10 -27.48
C LYS A 346 21.47 -12.96 -26.79
N GLN A 347 21.34 -14.22 -27.22
CA GLN A 347 20.31 -15.10 -26.67
C GLN A 347 20.83 -16.54 -26.59
N CYS A 348 20.60 -17.20 -25.45
CA CYS A 348 20.92 -18.63 -25.29
C CYS A 348 19.74 -19.47 -25.80
N THR A 349 19.54 -19.39 -27.12
CA THR A 349 18.31 -19.88 -27.74
C THR A 349 18.13 -21.39 -27.57
N ARG A 350 16.91 -21.79 -27.21
CA ARG A 350 16.46 -23.18 -27.12
C ARG A 350 15.34 -23.41 -28.14
N VAL A 351 15.20 -24.64 -28.61
CA VAL A 351 14.28 -24.95 -29.73
C VAL A 351 12.91 -25.26 -29.13
N THR A 352 12.08 -24.22 -28.99
CA THR A 352 10.74 -24.33 -28.44
C THR A 352 9.88 -23.23 -29.08
N MET A 353 8.56 -23.41 -29.08
N MET A 353 8.57 -23.44 -29.08
CA MET A 353 7.70 -22.39 -29.66
CA MET A 353 7.62 -22.45 -29.59
C MET A 353 7.76 -21.10 -28.83
C MET A 353 7.76 -21.13 -28.83
N GLU A 354 7.83 -21.21 -27.52
CA GLU A 354 7.92 -20.01 -26.68
C GLU A 354 9.21 -19.24 -26.98
N GLN A 355 10.31 -19.93 -27.23
CA GLN A 355 11.55 -19.29 -27.65
C GLN A 355 11.43 -18.67 -29.03
N LEU A 356 10.67 -19.28 -29.94
CA LEU A 356 10.42 -18.63 -31.22
C LEU A 356 9.71 -17.28 -31.01
N VAL A 357 8.81 -17.19 -30.04
CA VAL A 357 8.17 -15.90 -29.74
C VAL A 357 9.18 -14.90 -29.16
N VAL A 358 10.09 -15.36 -28.28
CA VAL A 358 11.11 -14.46 -27.74
C VAL A 358 12.02 -13.93 -28.86
N VAL A 359 12.35 -14.78 -29.84
CA VAL A 359 13.15 -14.34 -30.98
C VAL A 359 12.46 -13.19 -31.72
N HIS A 360 11.13 -13.32 -31.95
CA HIS A 360 10.39 -12.22 -32.56
C HIS A 360 10.39 -10.97 -31.68
N HIS A 361 10.18 -11.14 -30.37
CA HIS A 361 10.25 -10.02 -29.42
C HIS A 361 11.56 -9.24 -29.55
N GLU A 362 12.70 -9.96 -29.51
CA GLU A 362 13.99 -9.31 -29.66
C GLU A 362 14.19 -8.71 -31.05
N MET A 363 13.74 -9.39 -32.10
CA MET A 363 13.93 -8.81 -33.43
C MET A 363 13.08 -7.55 -33.62
N GLY A 364 11.96 -7.43 -32.88
CA GLY A 364 11.19 -6.20 -32.90
C GLY A 364 11.99 -5.01 -32.39
N HIS A 365 12.79 -5.21 -31.33
CA HIS A 365 13.71 -4.17 -30.84
C HIS A 365 14.71 -3.77 -31.92
N ILE A 366 15.32 -4.76 -32.60
CA ILE A 366 16.30 -4.47 -33.65
C ILE A 366 15.66 -3.67 -34.78
N GLN A 367 14.44 -4.06 -35.21
CA GLN A 367 13.78 -3.35 -36.29
C GLN A 367 13.53 -1.88 -35.93
N TYR A 368 13.13 -1.60 -34.68
CA TYR A 368 13.02 -0.21 -34.23
C TYR A 368 14.35 0.53 -34.38
N PHE A 369 15.44 -0.09 -33.90
CA PHE A 369 16.78 0.51 -34.00
C PHE A 369 17.12 0.84 -35.45
N LEU A 370 16.85 -0.10 -36.36
CA LEU A 370 17.17 0.13 -37.78
C LEU A 370 16.37 1.28 -38.35
N GLN A 371 15.10 1.40 -37.96
CA GLN A 371 14.26 2.42 -38.59
C GLN A 371 14.54 3.82 -38.07
N TYR A 372 15.03 3.98 -36.84
CA TYR A 372 15.26 5.31 -36.30
C TYR A 372 16.74 5.68 -36.19
N LYS A 373 17.62 4.94 -36.88
CA LYS A 373 19.06 5.10 -36.68
C LYS A 373 19.55 6.47 -37.14
N ASP A 374 18.83 7.15 -38.01
CA ASP A 374 19.29 8.43 -38.53
C ASP A 374 18.68 9.63 -37.81
N LEU A 375 17.90 9.41 -36.74
CA LEU A 375 17.51 10.51 -35.87
C LEU A 375 18.67 10.93 -34.96
N PRO A 376 18.60 12.13 -34.39
CA PRO A 376 19.54 12.51 -33.32
C PRO A 376 19.55 11.46 -32.20
N VAL A 377 20.72 11.26 -31.57
CA VAL A 377 20.87 10.14 -30.65
C VAL A 377 19.85 10.22 -29.51
N SER A 378 19.51 11.43 -29.05
CA SER A 378 18.59 11.56 -27.91
C SER A 378 17.18 11.06 -28.25
N LEU A 379 16.83 11.02 -29.53
CA LEU A 379 15.51 10.63 -29.98
C LEU A 379 15.46 9.18 -30.49
N ARG A 380 16.55 8.43 -30.35
CA ARG A 380 16.61 7.02 -30.74
C ARG A 380 16.10 6.16 -29.57
N GLU A 381 14.78 6.20 -29.41
CA GLU A 381 14.09 5.39 -28.41
C GLU A 381 12.64 5.26 -28.86
N GLY A 382 11.86 4.47 -28.11
CA GLY A 382 10.48 4.27 -28.47
C GLY A 382 9.65 5.49 -28.11
N ALA A 383 8.46 5.62 -28.72
CA ALA A 383 7.60 6.75 -28.39
C ALA A 383 7.33 6.81 -26.89
N ASN A 384 7.10 5.65 -26.28
CA ASN A 384 7.40 5.43 -24.86
C ASN A 384 7.95 4.01 -24.74
N PRO A 385 8.50 3.60 -23.59
CA PRO A 385 9.09 2.24 -23.53
C PRO A 385 8.13 1.10 -23.85
N GLY A 386 6.82 1.27 -23.58
CA GLY A 386 5.89 0.20 -23.93
C GLY A 386 5.78 -0.04 -25.42
N PHE A 387 5.96 1.01 -26.24
CA PHE A 387 5.96 0.85 -27.70
C PHE A 387 7.08 -0.11 -28.13
N HIS A 388 8.29 0.10 -27.58
CA HIS A 388 9.44 -0.73 -27.94
C HIS A 388 9.17 -2.18 -27.60
N GLU A 389 8.56 -2.44 -26.44
CA GLU A 389 8.25 -3.81 -26.04
C GLU A 389 7.16 -4.45 -26.90
N ALA A 390 6.31 -3.67 -27.56
CA ALA A 390 5.16 -4.26 -28.24
C ALA A 390 5.45 -4.70 -29.67
N ILE A 391 6.50 -4.18 -30.31
CA ILE A 391 6.66 -4.34 -31.75
C ILE A 391 6.72 -5.83 -32.14
N GLY A 392 7.67 -6.56 -31.56
CA GLY A 392 7.85 -7.96 -31.91
C GLY A 392 6.68 -8.84 -31.51
N ASP A 393 6.07 -8.55 -30.35
CA ASP A 393 4.92 -9.33 -29.90
C ASP A 393 3.74 -9.21 -30.88
N VAL A 394 3.53 -8.02 -31.46
CA VAL A 394 2.43 -7.83 -32.42
C VAL A 394 2.60 -8.77 -33.60
N LEU A 395 3.82 -8.81 -34.19
CA LEU A 395 4.04 -9.74 -35.29
C LEU A 395 3.86 -11.19 -34.85
N ALA A 396 4.29 -11.53 -33.62
CA ALA A 396 4.16 -12.90 -33.15
C ALA A 396 2.70 -13.29 -32.94
N LEU A 397 1.80 -12.32 -32.69
CA LEU A 397 0.38 -12.66 -32.64
C LEU A 397 -0.09 -13.27 -33.96
N SER A 398 0.39 -12.75 -35.09
CA SER A 398 0.05 -13.34 -36.41
C SER A 398 0.72 -14.69 -36.61
N VAL A 399 1.99 -14.83 -36.19
CA VAL A 399 2.75 -16.07 -36.41
C VAL A 399 2.11 -17.25 -35.68
N SER A 400 1.55 -17.00 -34.48
CA SER A 400 0.99 -18.02 -33.61
C SER A 400 -0.33 -18.59 -34.11
N THR A 401 -0.96 -17.97 -35.08
CA THR A 401 -2.27 -18.45 -35.49
C THR A 401 -2.16 -19.84 -36.14
N PRO A 402 -3.13 -20.73 -35.91
CA PRO A 402 -3.08 -22.06 -36.55
C PRO A 402 -2.89 -22.00 -38.05
N GLU A 403 -3.55 -21.04 -38.72
CA GLU A 403 -3.39 -20.87 -40.16
C GLU A 403 -1.94 -20.53 -40.52
N HIS A 404 -1.29 -19.64 -39.77
CA HIS A 404 0.08 -19.29 -40.12
C HIS A 404 1.06 -20.43 -39.82
N LEU A 405 0.85 -21.14 -38.71
CA LEU A 405 1.72 -22.27 -38.39
C LEU A 405 1.62 -23.35 -39.48
N HIS A 406 0.44 -23.53 -40.05
CA HIS A 406 0.32 -24.43 -41.20
C HIS A 406 1.18 -23.98 -42.37
N LYS A 407 1.19 -22.67 -42.66
N LYS A 407 1.19 -22.67 -42.66
CA LYS A 407 1.94 -22.15 -43.79
CA LYS A 407 1.95 -22.17 -43.81
C LYS A 407 3.43 -22.44 -43.67
C LYS A 407 3.45 -22.41 -43.67
N ILE A 408 3.98 -22.41 -42.46
CA ILE A 408 5.42 -22.60 -42.23
C ILE A 408 5.74 -24.04 -41.79
N GLY A 409 4.79 -24.97 -41.95
CA GLY A 409 5.07 -26.38 -41.85
C GLY A 409 5.05 -26.98 -40.47
N LEU A 410 4.45 -26.29 -39.49
CA LEU A 410 4.46 -26.72 -38.09
C LEU A 410 3.10 -27.25 -37.63
N LEU A 411 2.10 -27.24 -38.51
CA LEU A 411 0.76 -27.72 -38.17
C LEU A 411 0.17 -28.28 -39.46
N ASP A 412 0.18 -29.60 -39.60
CA ASP A 412 -0.29 -30.19 -40.86
C ASP A 412 -1.79 -30.03 -41.02
N ARG A 413 -2.56 -30.24 -39.95
CA ARG A 413 -4.02 -30.21 -40.06
C ARG A 413 -4.58 -28.83 -39.73
N VAL A 414 -5.59 -28.43 -40.51
CA VAL A 414 -6.25 -27.13 -40.37
C VAL A 414 -7.70 -27.36 -39.99
N THR A 415 -8.19 -26.63 -38.99
CA THR A 415 -9.59 -26.70 -38.58
C THR A 415 -10.07 -25.29 -38.29
N ASN A 416 -11.36 -25.04 -38.50
CA ASN A 416 -11.97 -23.76 -38.17
C ASN A 416 -13.30 -24.05 -37.49
N ASP A 417 -13.26 -24.27 -36.18
CA ASP A 417 -14.48 -24.57 -35.44
C ASP A 417 -14.36 -24.05 -34.02
N THR A 418 -15.48 -24.11 -33.31
CA THR A 418 -15.55 -23.47 -31.99
C THR A 418 -14.61 -24.12 -30.99
N GLU A 419 -14.49 -25.45 -31.01
CA GLU A 419 -13.56 -26.13 -30.11
C GLU A 419 -12.11 -25.70 -30.37
N SER A 420 -11.73 -25.63 -31.65
CA SER A 420 -10.37 -25.25 -32.01
C SER A 420 -10.08 -23.81 -31.60
N ASP A 421 -11.07 -22.91 -31.73
CA ASP A 421 -10.89 -21.54 -31.24
C ASP A 421 -10.68 -21.48 -29.74
N ILE A 422 -11.44 -22.27 -28.97
CA ILE A 422 -11.27 -22.23 -27.52
C ILE A 422 -9.89 -22.73 -27.10
N ASN A 423 -9.42 -23.81 -27.73
CA ASN A 423 -8.05 -24.30 -27.51
C ASN A 423 -7.03 -23.19 -27.75
N TYR A 424 -7.16 -22.51 -28.88
CA TYR A 424 -6.17 -21.51 -29.27
C TYR A 424 -6.19 -20.35 -28.29
N LEU A 425 -7.39 -19.85 -27.97
CA LEU A 425 -7.49 -18.67 -27.11
C LEU A 425 -7.08 -18.99 -25.66
N LEU A 426 -7.32 -20.23 -25.22
CA LEU A 426 -6.82 -20.65 -23.92
C LEU A 426 -5.29 -20.71 -23.92
N LYS A 427 -4.68 -21.26 -24.97
CA LYS A 427 -3.22 -21.26 -25.05
C LYS A 427 -2.65 -19.83 -25.02
N MET A 428 -3.24 -18.92 -25.81
N MET A 428 -3.24 -18.93 -25.82
CA MET A 428 -2.76 -17.54 -25.82
CA MET A 428 -2.79 -17.53 -25.83
C MET A 428 -2.97 -16.88 -24.45
C MET A 428 -2.99 -16.86 -24.46
N ALA A 429 -4.07 -17.20 -23.77
CA ALA A 429 -4.34 -16.60 -22.45
C ALA A 429 -3.31 -17.03 -21.42
N LEU A 430 -2.86 -18.29 -21.49
CA LEU A 430 -1.83 -18.76 -20.57
C LEU A 430 -0.57 -17.90 -20.64
N ASP A 431 -0.30 -17.27 -21.78
CA ASP A 431 0.82 -16.34 -21.96
C ASP A 431 0.41 -14.91 -21.60
N LYS A 432 -0.57 -14.38 -22.31
CA LYS A 432 -0.86 -12.97 -22.27
C LYS A 432 -1.69 -12.54 -21.06
N ILE A 433 -2.66 -13.38 -20.61
CA ILE A 433 -3.50 -13.00 -19.46
C ILE A 433 -2.80 -13.32 -18.14
N ALA A 434 -2.18 -14.51 -18.02
CA ALA A 434 -1.45 -14.84 -16.80
C ALA A 434 -0.37 -13.81 -16.48
N PHE A 435 0.25 -13.21 -17.49
CA PHE A 435 1.34 -12.27 -17.25
C PHE A 435 0.87 -10.95 -16.62
N LEU A 436 -0.37 -10.52 -16.91
CA LEU A 436 -0.84 -9.19 -16.54
C LEU A 436 -0.62 -8.82 -15.07
N PRO A 437 -1.05 -9.61 -14.08
CA PRO A 437 -0.76 -9.24 -12.68
C PRO A 437 0.72 -9.08 -12.38
N PHE A 438 1.58 -9.92 -12.97
CA PHE A 438 3.01 -9.84 -12.72
C PHE A 438 3.61 -8.60 -13.36
N GLY A 439 3.26 -8.33 -14.62
CA GLY A 439 3.69 -7.10 -15.28
C GLY A 439 3.33 -5.85 -14.50
N TYR A 440 2.18 -5.84 -13.83
CA TYR A 440 1.70 -4.69 -13.07
C TYR A 440 2.43 -4.57 -11.73
N LEU A 441 2.72 -5.71 -11.06
CA LEU A 441 3.14 -5.62 -9.66
C LEU A 441 4.63 -5.31 -9.46
N VAL A 442 5.51 -5.66 -10.42
CA VAL A 442 6.95 -5.57 -10.18
C VAL A 442 7.36 -4.15 -9.81
N ASP A 443 6.92 -3.15 -10.58
CA ASP A 443 7.28 -1.78 -10.30
C ASP A 443 6.43 -1.14 -9.22
N GLN A 444 5.25 -1.69 -8.90
CA GLN A 444 4.64 -1.26 -7.63
C GLN A 444 5.60 -1.55 -6.48
N TRP A 445 6.22 -2.75 -6.47
CA TRP A 445 7.20 -3.08 -5.45
C TRP A 445 8.38 -2.09 -5.46
N ARG A 446 8.93 -1.83 -6.64
CA ARG A 446 10.13 -1.01 -6.78
C ARG A 446 9.86 0.46 -6.52
N TRP A 447 8.68 0.95 -6.92
CA TRP A 447 8.32 2.32 -6.60
C TRP A 447 8.25 2.51 -5.08
N GLY A 448 7.76 1.51 -4.34
CA GLY A 448 7.73 1.63 -2.88
C GLY A 448 9.11 1.55 -2.22
N VAL A 449 10.02 0.77 -2.81
CA VAL A 449 11.39 0.77 -2.33
C VAL A 449 12.06 2.13 -2.59
N PHE A 450 11.91 2.66 -3.81
CA PHE A 450 12.56 3.94 -4.10
C PHE A 450 12.00 5.08 -3.23
N SER A 451 10.70 5.05 -2.96
CA SER A 451 10.08 6.12 -2.18
C SER A 451 10.34 6.00 -0.69
N GLY A 452 10.83 4.85 -0.24
CA GLY A 452 11.06 4.59 1.16
C GLY A 452 9.89 3.99 1.91
N ARG A 453 8.75 3.81 1.27
CA ARG A 453 7.63 3.12 1.92
C ARG A 453 7.98 1.68 2.28
N THR A 454 8.83 1.03 1.47
CA THR A 454 9.36 -0.33 1.68
C THR A 454 10.84 -0.24 2.00
N PRO A 455 11.21 -0.17 3.27
CA PRO A 455 12.63 -0.21 3.68
C PRO A 455 13.19 -1.62 3.59
N PRO A 456 14.51 -1.78 3.70
CA PRO A 456 15.09 -3.14 3.63
C PRO A 456 14.44 -4.14 4.56
N SER A 457 13.99 -3.68 5.74
CA SER A 457 13.35 -4.56 6.70
C SER A 457 12.02 -5.14 6.22
N ARG A 458 11.47 -4.68 5.07
CA ARG A 458 10.23 -5.24 4.53
C ARG A 458 10.33 -5.61 3.05
N TYR A 459 11.54 -5.74 2.51
CA TYR A 459 11.68 -6.08 1.08
C TYR A 459 10.86 -7.33 0.70
N ASN A 460 10.96 -8.40 1.51
CA ASN A 460 10.35 -9.68 1.13
C ASN A 460 8.89 -9.77 1.57
N PHE A 461 8.57 -9.23 2.76
CA PHE A 461 7.19 -9.05 3.21
C PHE A 461 6.34 -8.33 2.17
N ASP A 462 6.83 -7.20 1.64
CA ASP A 462 6.04 -6.44 0.69
C ASP A 462 6.04 -7.10 -0.70
N TRP A 463 7.11 -7.80 -1.07
CA TRP A 463 7.10 -8.56 -2.32
C TRP A 463 6.02 -9.62 -2.31
N TRP A 464 5.99 -10.46 -1.26
CA TRP A 464 4.99 -11.52 -1.23
C TRP A 464 3.59 -10.99 -0.96
N TYR A 465 3.44 -9.84 -0.29
CA TYR A 465 2.11 -9.21 -0.20
C TYR A 465 1.55 -8.96 -1.60
N LEU A 466 2.38 -8.41 -2.48
CA LEU A 466 1.93 -8.07 -3.85
C LEU A 466 1.77 -9.31 -4.73
N ARG A 467 2.67 -10.28 -4.60
CA ARG A 467 2.56 -11.52 -5.37
C ARG A 467 1.24 -12.24 -5.07
N THR A 468 0.86 -12.31 -3.80
CA THR A 468 -0.42 -12.90 -3.42
C THR A 468 -1.58 -12.03 -3.87
N LYS A 469 -1.54 -10.72 -3.57
CA LYS A 469 -2.64 -9.81 -3.91
C LYS A 469 -3.03 -9.91 -5.38
N TYR A 470 -2.04 -9.90 -6.27
CA TYR A 470 -2.27 -9.82 -7.72
C TYR A 470 -2.26 -11.17 -8.41
N GLN A 471 -1.23 -12.00 -8.18
CA GLN A 471 -1.13 -13.27 -8.90
C GLN A 471 -1.86 -14.41 -8.19
N GLY A 472 -2.16 -14.27 -6.90
CA GLY A 472 -2.78 -15.40 -6.20
C GLY A 472 -1.91 -16.64 -6.10
N ILE A 473 -0.61 -16.46 -5.80
CA ILE A 473 0.34 -17.53 -5.56
C ILE A 473 0.94 -17.34 -4.16
N CYS A 474 1.56 -18.41 -3.65
CA CYS A 474 2.26 -18.43 -2.36
C CYS A 474 3.59 -19.16 -2.50
N PRO A 475 4.61 -18.79 -1.71
CA PRO A 475 5.88 -19.53 -1.75
C PRO A 475 5.68 -20.93 -1.21
N PRO A 476 6.30 -21.94 -1.84
CA PRO A 476 6.09 -23.33 -1.38
C PRO A 476 6.95 -23.74 -0.19
N VAL A 477 7.87 -22.88 0.27
CA VAL A 477 8.58 -23.05 1.53
C VAL A 477 8.55 -21.69 2.25
N THR A 478 8.74 -21.74 3.57
CA THR A 478 8.68 -20.51 4.36
C THR A 478 9.77 -19.53 3.94
N ARG A 479 9.43 -18.23 3.93
CA ARG A 479 10.43 -17.20 3.63
C ARG A 479 10.49 -16.19 4.77
N ASN A 480 11.65 -15.54 4.90
CA ASN A 480 11.84 -14.49 5.89
C ASN A 480 12.70 -13.40 5.25
N GLU A 481 13.04 -12.36 6.02
CA GLU A 481 13.75 -11.20 5.45
C GLU A 481 15.24 -11.46 5.22
N THR A 482 15.72 -12.66 5.47
CA THR A 482 17.02 -13.01 4.93
C THR A 482 16.93 -13.31 3.45
N HIS A 483 15.78 -13.81 3.00
CA HIS A 483 15.53 -14.01 1.59
C HIS A 483 15.20 -12.69 0.92
N PHE A 484 15.53 -12.62 -0.37
CA PHE A 484 15.34 -11.41 -1.20
C PHE A 484 14.85 -11.90 -2.57
N ASP A 485 13.59 -12.37 -2.60
CA ASP A 485 13.05 -13.08 -3.76
C ASP A 485 12.81 -12.17 -4.95
N ALA A 486 12.61 -10.87 -4.72
CA ALA A 486 12.60 -9.92 -5.83
C ALA A 486 13.93 -9.95 -6.61
N GLY A 487 15.04 -10.14 -5.91
CA GLY A 487 16.35 -10.13 -6.56
C GLY A 487 16.60 -11.34 -7.46
N ALA A 488 15.78 -12.37 -7.35
CA ALA A 488 15.91 -13.56 -8.18
C ALA A 488 15.20 -13.42 -9.55
N LYS A 489 14.73 -12.21 -9.87
CA LYS A 489 14.16 -11.86 -11.18
C LYS A 489 15.13 -10.91 -11.88
N PHE A 490 15.55 -11.28 -13.11
CA PHE A 490 16.61 -10.57 -13.86
C PHE A 490 16.57 -9.05 -13.75
N HIS A 491 15.40 -8.45 -14.01
CA HIS A 491 15.32 -6.99 -14.17
C HIS A 491 15.61 -6.22 -12.88
N VAL A 492 15.56 -6.86 -11.72
CA VAL A 492 15.82 -6.15 -10.45
C VAL A 492 17.33 -5.90 -10.28
N PRO A 493 18.19 -6.92 -10.20
CA PRO A 493 19.64 -6.62 -10.15
C PRO A 493 20.18 -5.96 -11.41
N ASN A 494 19.56 -6.17 -12.57
CA ASN A 494 20.05 -5.53 -13.79
C ASN A 494 19.41 -4.15 -14.04
N VAL A 495 18.66 -3.62 -13.07
CA VAL A 495 18.10 -2.28 -13.08
C VAL A 495 17.42 -1.94 -14.41
N THR A 496 16.49 -2.79 -14.85
CA THR A 496 15.63 -2.53 -16.00
C THR A 496 14.20 -2.28 -15.55
N PRO A 497 13.57 -1.17 -15.91
CA PRO A 497 12.17 -0.95 -15.48
C PRO A 497 11.21 -1.98 -16.06
N TYR A 498 10.05 -2.18 -15.39
CA TYR A 498 9.14 -3.26 -15.72
C TYR A 498 7.72 -2.85 -16.17
N ILE A 499 7.23 -1.65 -15.79
CA ILE A 499 5.84 -1.31 -16.10
C ILE A 499 5.63 -1.27 -17.61
N ARG A 500 6.70 -1.02 -18.38
CA ARG A 500 6.66 -1.10 -19.85
C ARG A 500 6.06 -2.42 -20.37
N TYR A 501 6.26 -3.53 -19.65
CA TYR A 501 5.71 -4.79 -20.15
C TYR A 501 4.20 -4.91 -19.93
N PHE A 502 3.68 -4.39 -18.81
CA PHE A 502 2.24 -4.28 -18.61
C PHE A 502 1.61 -3.40 -19.69
N VAL A 503 2.19 -2.22 -19.92
CA VAL A 503 1.71 -1.32 -20.98
C VAL A 503 1.72 -2.05 -22.32
N SER A 504 2.83 -2.73 -22.64
CA SER A 504 2.97 -3.45 -23.90
C SER A 504 1.90 -4.51 -24.11
N PHE A 505 1.55 -5.25 -23.05
CA PHE A 505 0.61 -6.36 -23.23
C PHE A 505 -0.81 -5.86 -23.50
N VAL A 506 -1.13 -4.62 -23.09
CA VAL A 506 -2.40 -3.99 -23.50
C VAL A 506 -2.26 -3.37 -24.90
N LEU A 507 -1.19 -2.62 -25.10
CA LEU A 507 -0.99 -1.89 -26.33
C LEU A 507 -0.91 -2.81 -27.55
N GLN A 508 -0.30 -3.99 -27.41
CA GLN A 508 -0.07 -4.79 -28.61
C GLN A 508 -1.38 -5.19 -29.26
N PHE A 509 -2.46 -5.31 -28.48
CA PHE A 509 -3.76 -5.68 -29.07
C PHE A 509 -4.39 -4.49 -29.78
N GLN A 510 -4.16 -3.25 -29.29
CA GLN A 510 -4.57 -2.06 -30.05
C GLN A 510 -3.83 -1.99 -31.38
N PHE A 511 -2.51 -2.27 -31.37
CA PHE A 511 -1.73 -2.28 -32.60
C PHE A 511 -2.26 -3.34 -33.57
N HIS A 512 -2.48 -4.55 -33.05
CA HIS A 512 -2.95 -5.68 -33.88
C HIS A 512 -4.27 -5.36 -34.57
N GLU A 513 -5.24 -4.84 -33.82
CA GLU A 513 -6.52 -4.46 -34.41
C GLU A 513 -6.34 -3.43 -35.54
N ALA A 514 -5.48 -2.42 -35.33
CA ALA A 514 -5.27 -1.41 -36.36
C ALA A 514 -4.56 -1.96 -37.59
N LEU A 515 -3.55 -2.83 -37.41
CA LEU A 515 -2.83 -3.35 -38.57
C LEU A 515 -3.72 -4.33 -39.34
N CYS A 516 -4.51 -5.11 -38.62
CA CYS A 516 -5.42 -6.04 -39.29
C CYS A 516 -6.45 -5.29 -40.14
N LYS A 517 -6.99 -4.19 -39.62
CA LYS A 517 -7.91 -3.38 -40.40
C LYS A 517 -7.23 -2.78 -41.63
N GLU A 518 -6.01 -2.24 -41.46
CA GLU A 518 -5.25 -1.69 -42.58
C GLU A 518 -4.95 -2.73 -43.65
N ALA A 519 -4.76 -3.99 -43.26
CA ALA A 519 -4.48 -5.04 -44.20
C ALA A 519 -5.72 -5.53 -44.95
N GLY A 520 -6.90 -5.06 -44.57
CA GLY A 520 -8.12 -5.49 -45.24
C GLY A 520 -8.75 -6.74 -44.69
N TYR A 521 -8.33 -7.20 -43.52
CA TYR A 521 -8.84 -8.43 -42.93
C TYR A 521 -10.21 -8.19 -42.29
N GLU A 522 -11.15 -9.12 -42.53
CA GLU A 522 -12.53 -8.93 -42.10
C GLU A 522 -13.11 -10.08 -41.26
N GLY A 523 -12.28 -11.01 -40.79
CA GLY A 523 -12.74 -12.04 -39.90
C GLY A 523 -12.51 -11.74 -38.43
N PRO A 524 -12.65 -12.77 -37.58
CA PRO A 524 -12.43 -12.58 -36.15
C PRO A 524 -11.01 -12.12 -35.84
N LEU A 525 -10.89 -11.20 -34.88
CA LEU A 525 -9.60 -10.56 -34.62
C LEU A 525 -8.53 -11.59 -34.31
N HIS A 526 -8.89 -12.66 -33.58
CA HIS A 526 -7.89 -13.66 -33.19
C HIS A 526 -7.51 -14.62 -34.31
N GLN A 527 -8.10 -14.52 -35.50
CA GLN A 527 -7.65 -15.27 -36.66
C GLN A 527 -6.93 -14.41 -37.70
N CYS A 528 -6.72 -13.12 -37.42
CA CYS A 528 -5.98 -12.26 -38.34
C CYS A 528 -4.51 -12.68 -38.44
N ASP A 529 -3.99 -12.67 -39.67
CA ASP A 529 -2.55 -12.85 -39.95
C ASP A 529 -2.15 -11.77 -40.93
N ILE A 530 -1.28 -10.82 -40.52
CA ILE A 530 -0.90 -9.73 -41.41
C ILE A 530 0.27 -10.05 -42.34
N TYR A 531 0.75 -11.31 -42.32
CA TYR A 531 1.80 -11.77 -43.24
C TYR A 531 1.58 -11.27 -44.66
N ARG A 532 2.64 -10.76 -45.26
CA ARG A 532 2.69 -10.25 -46.63
C ARG A 532 1.81 -9.02 -46.86
N SER A 533 1.31 -8.37 -45.80
CA SER A 533 0.58 -7.11 -45.99
C SER A 533 1.53 -5.92 -46.02
N THR A 534 1.85 -5.43 -47.24
CA THR A 534 2.72 -4.26 -47.33
C THR A 534 2.04 -2.98 -46.84
N LYS A 535 0.70 -2.91 -46.91
CA LYS A 535 0.00 -1.76 -46.34
C LYS A 535 0.15 -1.72 -44.82
N ALA A 536 -0.02 -2.88 -44.16
CA ALA A 536 0.21 -2.95 -42.71
C ALA A 536 1.66 -2.61 -42.39
N GLY A 537 2.60 -3.12 -43.19
CA GLY A 537 4.00 -2.77 -43.01
C GLY A 537 4.24 -1.28 -42.99
N ALA A 538 3.61 -0.55 -43.92
CA ALA A 538 3.82 0.90 -44.03
C ALA A 538 3.25 1.63 -42.84
N LYS A 539 2.12 1.18 -42.31
CA LYS A 539 1.56 1.82 -41.13
C LYS A 539 2.47 1.62 -39.93
N LEU A 540 3.02 0.42 -39.77
CA LEU A 540 3.94 0.17 -38.65
C LEU A 540 5.25 0.95 -38.82
N ARG A 541 5.71 1.09 -40.06
CA ARG A 541 6.97 1.78 -40.32
C ARG A 541 6.91 3.22 -39.87
N LYS A 542 5.75 3.88 -40.07
CA LYS A 542 5.61 5.28 -39.64
C LYS A 542 5.83 5.44 -38.14
N VAL A 543 5.33 4.51 -37.33
CA VAL A 543 5.59 4.52 -35.89
C VAL A 543 7.08 4.37 -35.63
N LEU A 544 7.71 3.35 -36.24
CA LEU A 544 9.10 3.03 -35.89
C LEU A 544 10.01 4.21 -36.23
N ARG A 545 9.80 4.84 -37.38
CA ARG A 545 10.68 5.91 -37.82
C ARG A 545 10.54 7.17 -36.96
N ALA A 546 9.47 7.29 -36.18
CA ALA A 546 9.28 8.47 -35.35
C ALA A 546 10.19 8.48 -34.12
N GLY A 547 10.68 7.33 -33.66
CA GLY A 547 11.45 7.35 -32.41
C GLY A 547 10.66 8.05 -31.32
N SER A 548 11.37 8.87 -30.50
CA SER A 548 10.73 9.71 -29.50
C SER A 548 10.68 11.17 -29.94
N SER A 549 10.59 11.42 -31.24
CA SER A 549 10.57 12.80 -31.72
C SER A 549 9.24 13.49 -31.45
N ARG A 550 8.16 12.73 -31.21
CA ARG A 550 6.82 13.27 -30.99
C ARG A 550 6.16 12.63 -29.78
N PRO A 551 5.22 13.34 -29.14
CA PRO A 551 4.51 12.76 -27.99
C PRO A 551 3.84 11.44 -28.35
N TRP A 552 3.97 10.44 -27.46
CA TRP A 552 3.44 9.12 -27.78
C TRP A 552 1.92 9.15 -28.00
N GLN A 553 1.19 10.00 -27.26
CA GLN A 553 -0.27 10.09 -27.42
C GLN A 553 -0.67 10.44 -28.84
N GLU A 554 0.11 11.29 -29.51
CA GLU A 554 -0.17 11.69 -30.88
C GLU A 554 0.23 10.60 -31.88
N VAL A 555 1.38 9.96 -31.67
CA VAL A 555 1.78 8.85 -32.54
C VAL A 555 0.75 7.73 -32.45
N LEU A 556 0.25 7.44 -31.24
CA LEU A 556 -0.79 6.42 -31.08
C LEU A 556 -2.06 6.80 -31.82
N LYS A 557 -2.47 8.08 -31.71
CA LYS A 557 -3.69 8.50 -32.39
C LYS A 557 -3.58 8.35 -33.90
N ASP A 558 -2.42 8.72 -34.47
CA ASP A 558 -2.22 8.50 -35.90
C ASP A 558 -2.34 7.04 -36.28
N MET A 559 -1.92 6.12 -35.42
CA MET A 559 -1.88 4.71 -35.79
C MET A 559 -3.23 4.01 -35.57
N VAL A 560 -3.87 4.23 -34.43
CA VAL A 560 -5.04 3.45 -34.04
C VAL A 560 -6.29 4.30 -33.88
N GLY A 561 -6.18 5.63 -33.97
CA GLY A 561 -7.35 6.50 -33.91
C GLY A 561 -7.76 6.91 -32.52
N LEU A 562 -6.93 6.66 -31.52
CA LEU A 562 -7.20 7.01 -30.14
C LEU A 562 -5.89 7.42 -29.49
N ASP A 563 -5.95 8.40 -28.57
CA ASP A 563 -4.75 8.96 -27.96
C ASP A 563 -4.47 8.41 -26.56
N ALA A 564 -4.93 7.20 -26.26
CA ALA A 564 -4.75 6.62 -24.92
C ALA A 564 -4.69 5.10 -24.99
N LEU A 565 -4.11 4.51 -23.95
CA LEU A 565 -4.19 3.07 -23.74
C LEU A 565 -5.64 2.65 -23.50
N ASP A 566 -6.04 1.51 -24.09
CA ASP A 566 -7.43 1.05 -24.06
C ASP A 566 -7.42 -0.47 -24.05
N ALA A 567 -8.15 -1.07 -23.09
CA ALA A 567 -8.24 -2.52 -22.95
C ALA A 567 -9.26 -3.16 -23.89
N GLN A 568 -10.08 -2.36 -24.58
CA GLN A 568 -11.12 -2.96 -25.40
C GLN A 568 -10.59 -3.91 -26.47
N PRO A 569 -9.50 -3.62 -27.18
CA PRO A 569 -9.07 -4.59 -28.20
C PRO A 569 -8.63 -5.92 -27.62
N LEU A 570 -7.96 -5.92 -26.45
CA LEU A 570 -7.62 -7.17 -25.80
C LEU A 570 -8.87 -7.94 -25.40
N LEU A 571 -9.86 -7.24 -24.84
CA LEU A 571 -11.09 -7.91 -24.43
C LEU A 571 -11.81 -8.50 -25.64
N LYS A 572 -11.85 -7.75 -26.74
CA LYS A 572 -12.46 -8.26 -27.99
C LYS A 572 -11.78 -9.51 -28.50
N TYR A 573 -10.44 -9.53 -28.48
CA TYR A 573 -9.67 -10.68 -28.94
C TYR A 573 -10.02 -11.94 -28.15
N PHE A 574 -10.13 -11.82 -26.83
CA PHE A 574 -10.30 -12.99 -25.95
C PHE A 574 -11.76 -13.33 -25.65
N GLN A 575 -12.70 -12.57 -26.18
CA GLN A 575 -14.10 -12.61 -25.71
C GLN A 575 -14.67 -14.02 -25.64
N LEU A 576 -14.43 -14.86 -26.66
CA LEU A 576 -14.99 -16.22 -26.65
C LEU A 576 -14.46 -17.07 -25.50
N VAL A 577 -13.16 -16.98 -25.17
CA VAL A 577 -12.66 -17.84 -24.10
C VAL A 577 -12.98 -17.22 -22.72
N THR A 578 -13.11 -15.89 -22.65
CA THR A 578 -13.56 -15.23 -21.44
C THR A 578 -14.94 -15.74 -21.05
N GLN A 579 -15.86 -15.76 -22.01
CA GLN A 579 -17.21 -16.29 -21.76
C GLN A 579 -17.16 -17.77 -21.39
N TRP A 580 -16.36 -18.56 -22.10
CA TRP A 580 -16.32 -20.00 -21.86
C TRP A 580 -15.78 -20.30 -20.47
N LEU A 581 -14.73 -19.60 -20.04
CA LEU A 581 -14.14 -19.90 -18.73
C LEU A 581 -15.09 -19.55 -17.61
N GLN A 582 -15.85 -18.46 -17.75
CA GLN A 582 -16.84 -18.10 -16.74
C GLN A 582 -17.89 -19.18 -16.58
N GLU A 583 -18.37 -19.71 -17.72
CA GLU A 583 -19.38 -20.78 -17.71
C GLU A 583 -18.85 -22.04 -17.03
N GLN A 584 -17.63 -22.45 -17.40
CA GLN A 584 -17.04 -23.65 -16.82
C GLN A 584 -16.85 -23.52 -15.31
N ASN A 585 -16.27 -22.39 -14.87
CA ASN A 585 -16.05 -22.24 -13.44
C ASN A 585 -17.38 -22.24 -12.69
N GLN A 586 -18.42 -21.65 -13.28
CA GLN A 586 -19.73 -21.63 -12.65
C GLN A 586 -20.28 -23.05 -12.54
N GLN A 587 -20.26 -23.78 -13.65
CA GLN A 587 -20.74 -25.15 -13.63
C GLN A 587 -19.94 -26.00 -12.68
N ASN A 588 -18.65 -25.71 -12.52
CA ASN A 588 -17.84 -26.49 -11.60
C ASN A 588 -17.99 -26.03 -10.15
N GLY A 589 -18.70 -24.94 -9.89
CA GLY A 589 -18.79 -24.43 -8.52
C GLY A 589 -17.50 -23.88 -7.94
N GLU A 590 -16.67 -23.23 -8.74
CA GLU A 590 -15.41 -22.73 -8.23
C GLU A 590 -15.66 -21.50 -7.36
N VAL A 591 -14.72 -21.23 -6.46
CA VAL A 591 -14.62 -19.94 -5.81
C VAL A 591 -13.58 -19.12 -6.58
N LEU A 592 -13.98 -17.98 -7.10
CA LEU A 592 -13.04 -17.09 -7.77
C LEU A 592 -12.21 -16.34 -6.73
N GLY A 593 -10.89 -16.36 -6.88
CA GLY A 593 -10.03 -15.76 -5.89
C GLY A 593 -9.47 -16.78 -4.91
N TRP A 594 -8.88 -16.27 -3.84
CA TRP A 594 -8.16 -17.10 -2.86
C TRP A 594 -8.43 -16.56 -1.45
N PRO A 595 -9.64 -16.76 -0.93
CA PRO A 595 -9.98 -16.20 0.40
C PRO A 595 -9.20 -16.80 1.56
N GLU A 596 -8.66 -18.01 1.42
CA GLU A 596 -7.73 -18.56 2.42
C GLU A 596 -6.32 -18.04 2.09
N TYR A 597 -6.16 -16.71 2.26
CA TYR A 597 -4.94 -16.01 1.85
C TYR A 597 -3.70 -16.40 2.66
N GLN A 598 -3.88 -17.04 3.81
CA GLN A 598 -2.78 -17.43 4.69
C GLN A 598 -2.22 -18.81 4.34
N TRP A 599 -2.88 -19.56 3.47
CA TRP A 599 -2.52 -20.96 3.25
C TRP A 599 -1.20 -21.10 2.49
N HIS A 600 -0.39 -22.06 2.93
CA HIS A 600 0.82 -22.50 2.26
C HIS A 600 0.82 -24.03 2.25
N PRO A 601 1.41 -24.66 1.24
CA PRO A 601 1.39 -26.14 1.19
C PRO A 601 2.38 -26.74 2.18
N PRO A 602 2.21 -28.01 2.55
CA PRO A 602 3.20 -28.65 3.42
C PRO A 602 4.45 -29.04 2.65
N LEU A 603 5.52 -29.32 3.40
CA LEU A 603 6.74 -29.85 2.82
C LEU A 603 6.54 -31.32 2.44
N PRO A 604 7.17 -31.78 1.36
CA PRO A 604 7.16 -33.21 1.07
C PRO A 604 7.78 -34.02 2.20
N ASP A 605 7.27 -35.23 2.40
CA ASP A 605 7.85 -36.12 3.38
C ASP A 605 9.31 -36.39 3.03
N ASN A 606 10.19 -36.19 4.00
CA ASN A 606 11.63 -36.35 3.78
C ASN A 606 12.09 -35.48 2.62
N TYR A 607 11.98 -34.16 2.85
CA TYR A 607 12.49 -33.21 1.90
C TYR A 607 13.74 -32.55 2.45
N PRO A 608 14.82 -32.42 1.67
CA PRO A 608 15.06 -32.89 0.30
C PRO A 608 15.90 -34.16 0.26
N LEU B 1 -40.93 18.40 7.46
CA LEU B 1 -40.23 19.34 8.39
C LEU B 1 -41.17 20.48 8.79
N ASP B 2 -41.18 20.78 10.08
CA ASP B 2 -42.01 21.86 10.59
C ASP B 2 -41.60 23.21 9.96
N PRO B 3 -42.56 24.11 9.75
CA PRO B 3 -42.24 25.41 9.13
C PRO B 3 -41.27 26.28 9.91
N GLY B 4 -41.32 26.26 11.24
CA GLY B 4 -40.41 27.06 12.06
C GLY B 4 -38.96 26.62 12.00
N LEU B 5 -38.68 25.49 11.34
CA LEU B 5 -37.31 25.02 11.15
C LEU B 5 -36.80 25.18 9.72
N GLN B 6 -37.70 25.47 8.74
CA GLN B 6 -37.29 25.71 7.37
C GLN B 6 -36.78 27.14 7.23
N PRO B 7 -35.84 27.37 6.31
CA PRO B 7 -35.08 28.62 6.31
C PRO B 7 -35.85 29.78 5.69
N GLY B 8 -35.46 30.98 6.10
CA GLY B 8 -36.09 32.20 5.66
C GLY B 8 -35.35 32.86 4.49
N GLN B 9 -35.81 34.06 4.16
CA GLN B 9 -35.27 34.80 3.03
C GLN B 9 -34.13 35.71 3.51
N PHE B 10 -33.02 35.68 2.78
CA PHE B 10 -31.81 36.40 3.17
C PHE B 10 -31.17 36.98 1.93
N SER B 11 -30.52 38.14 2.11
CA SER B 11 -29.78 38.77 1.02
C SER B 11 -28.50 38.01 0.72
N ALA B 12 -28.09 38.08 -0.55
CA ALA B 12 -26.94 37.34 -1.05
C ALA B 12 -25.68 38.21 -0.96
N ASP B 13 -25.28 38.46 0.28
CA ASP B 13 -24.03 39.15 0.61
C ASP B 13 -23.63 38.72 2.01
N GLU B 14 -22.48 39.23 2.49
CA GLU B 14 -21.95 38.78 3.77
C GLU B 14 -22.85 39.20 4.93
N ALA B 15 -23.44 40.40 4.86
CA ALA B 15 -24.30 40.88 5.94
C ALA B 15 -25.58 40.05 6.06
N GLY B 16 -26.15 39.64 4.92
CA GLY B 16 -27.33 38.79 4.96
C GLY B 16 -26.99 37.37 5.35
N ALA B 17 -25.76 36.93 5.08
CA ALA B 17 -25.32 35.62 5.53
C ALA B 17 -25.03 35.58 7.03
N GLN B 18 -24.66 36.73 7.62
CA GLN B 18 -24.48 36.79 9.07
C GLN B 18 -25.79 36.56 9.80
N LEU B 19 -26.88 37.13 9.28
CA LEU B 19 -28.20 36.82 9.82
C LEU B 19 -28.60 35.40 9.46
N PHE B 20 -28.16 34.91 8.30
CA PHE B 20 -28.50 33.56 7.86
C PHE B 20 -27.95 32.53 8.82
N ALA B 21 -26.69 32.68 9.21
CA ALA B 21 -26.08 31.76 10.17
C ALA B 21 -26.84 31.78 11.50
N GLN B 22 -27.12 32.98 12.02
CA GLN B 22 -27.86 33.11 13.27
C GLN B 22 -29.14 32.27 13.24
N SER B 23 -30.00 32.53 12.26
CA SER B 23 -31.29 31.82 12.21
C SER B 23 -31.09 30.33 12.02
N TYR B 24 -29.96 29.91 11.45
CA TYR B 24 -29.69 28.49 11.25
C TYR B 24 -29.39 27.80 12.57
N GLN B 25 -28.50 28.38 13.37
CA GLN B 25 -28.02 27.73 14.59
C GLN B 25 -29.01 27.84 15.75
N SER B 26 -30.01 28.72 15.65
CA SER B 26 -31.12 28.73 16.60
C SER B 26 -32.10 27.60 16.30
N SER B 27 -32.30 27.28 15.03
CA SER B 27 -33.16 26.17 14.67
C SER B 27 -32.42 24.85 14.80
N ALA B 28 -31.09 24.87 14.66
CA ALA B 28 -30.32 23.64 14.69
C ALA B 28 -30.25 23.04 16.09
N GLU B 29 -30.17 23.88 17.13
CA GLU B 29 -30.15 23.37 18.49
C GLU B 29 -31.35 22.48 18.77
N GLN B 30 -32.52 22.84 18.23
CA GLN B 30 -33.71 22.05 18.46
C GLN B 30 -33.57 20.66 17.87
N VAL B 31 -32.98 20.56 16.68
CA VAL B 31 -32.96 19.30 15.94
C VAL B 31 -31.85 18.39 16.48
N LEU B 32 -30.65 18.95 16.68
CA LEU B 32 -29.57 18.17 17.28
C LEU B 32 -30.02 17.50 18.57
N PHE B 33 -30.76 18.24 19.42
CA PHE B 33 -31.13 17.66 20.70
C PHE B 33 -32.01 16.43 20.54
N GLN B 34 -32.94 16.46 19.59
CA GLN B 34 -33.88 15.35 19.45
C GLN B 34 -33.17 14.07 19.03
N SER B 35 -32.13 14.18 18.21
CA SER B 35 -31.37 13.01 17.83
C SER B 35 -30.50 12.52 19.00
N VAL B 36 -29.72 13.42 19.62
CA VAL B 36 -28.88 12.96 20.73
C VAL B 36 -29.76 12.29 21.77
N ALA B 37 -30.90 12.91 22.08
CA ALA B 37 -31.85 12.37 23.04
C ALA B 37 -32.26 10.94 22.72
N ALA B 38 -32.55 10.65 21.45
CA ALA B 38 -33.01 9.31 21.06
C ALA B 38 -31.88 8.29 21.01
N SER B 39 -30.68 8.68 20.58
CA SER B 39 -29.55 7.77 20.69
C SER B 39 -29.34 7.33 22.15
N TRP B 40 -29.41 8.28 23.10
CA TRP B 40 -29.20 7.91 24.49
C TRP B 40 -30.17 6.81 24.92
N ALA B 41 -31.45 6.96 24.58
CA ALA B 41 -32.43 5.92 24.94
C ALA B 41 -32.09 4.58 24.34
N HIS B 42 -31.48 4.55 23.15
CA HIS B 42 -31.10 3.27 22.58
C HIS B 42 -29.88 2.68 23.28
N ASP B 43 -28.79 3.45 23.40
CA ASP B 43 -27.55 2.88 23.91
C ASP B 43 -27.66 2.46 25.38
N THR B 44 -28.53 3.10 26.17
CA THR B 44 -28.73 2.61 27.53
C THR B 44 -29.84 1.58 27.62
N ASN B 45 -30.53 1.29 26.50
CA ASN B 45 -31.68 0.38 26.50
C ASN B 45 -31.87 -0.06 25.04
N ILE B 46 -31.22 -1.18 24.67
CA ILE B 46 -31.16 -1.63 23.29
C ILE B 46 -32.41 -2.45 22.99
N THR B 47 -33.32 -1.90 22.16
CA THR B 47 -34.50 -2.61 21.67
C THR B 47 -34.83 -2.12 20.27
N ALA B 48 -35.64 -2.92 19.57
CA ALA B 48 -36.10 -2.53 18.25
C ALA B 48 -36.83 -1.20 18.29
N GLU B 49 -37.66 -0.99 19.31
CA GLU B 49 -38.42 0.24 19.42
C GLU B 49 -37.49 1.45 19.49
N ASN B 50 -36.54 1.42 20.41
CA ASN B 50 -35.62 2.54 20.55
C ASN B 50 -34.79 2.74 19.29
N ALA B 51 -34.51 1.65 18.57
CA ALA B 51 -33.88 1.78 17.26
C ALA B 51 -34.79 2.53 16.28
N ARG B 52 -36.06 2.11 16.20
CA ARG B 52 -37.01 2.81 15.34
C ARG B 52 -37.02 4.30 15.62
N ARG B 53 -37.01 4.68 16.91
CA ARG B 53 -37.12 6.08 17.26
C ARG B 53 -35.87 6.85 16.84
N GLN B 54 -34.69 6.30 17.12
CA GLN B 54 -33.48 7.06 16.82
C GLN B 54 -33.29 7.19 15.32
N GLU B 55 -33.80 6.23 14.54
CA GLU B 55 -33.82 6.37 13.08
C GLU B 55 -34.73 7.50 12.61
N GLU B 56 -35.91 7.63 13.23
CA GLU B 56 -36.82 8.72 12.84
C GLU B 56 -36.15 10.07 13.05
N ALA B 57 -35.39 10.22 14.15
CA ALA B 57 -34.73 11.49 14.45
C ALA B 57 -33.56 11.75 13.51
N ALA B 58 -32.93 10.68 13.01
CA ALA B 58 -31.89 10.84 12.01
C ALA B 58 -32.50 11.36 10.71
N LEU B 59 -33.61 10.76 10.28
CA LEU B 59 -34.35 11.26 9.12
C LEU B 59 -34.67 12.75 9.26
N LEU B 60 -35.19 13.15 10.42
CA LEU B 60 -35.50 14.54 10.64
C LEU B 60 -34.25 15.40 10.53
N SER B 61 -33.11 14.91 11.04
CA SER B 61 -31.87 15.69 10.98
C SER B 61 -31.44 15.88 9.54
N GLN B 62 -31.59 14.85 8.73
CA GLN B 62 -31.19 14.95 7.32
C GLN B 62 -32.08 15.95 6.59
N GLU B 63 -33.39 15.90 6.85
CA GLU B 63 -34.29 16.87 6.25
C GLU B 63 -33.90 18.30 6.61
N PHE B 64 -33.57 18.55 7.88
CA PHE B 64 -33.13 19.87 8.31
C PHE B 64 -31.87 20.30 7.56
N ALA B 65 -30.85 19.43 7.51
CA ALA B 65 -29.59 19.79 6.86
C ALA B 65 -29.79 19.94 5.36
N GLU B 66 -30.64 19.10 4.77
CA GLU B 66 -30.99 19.26 3.37
C GLU B 66 -31.48 20.68 3.09
N ALA B 67 -32.55 21.09 3.78
CA ALA B 67 -33.16 22.38 3.52
C ALA B 67 -32.14 23.51 3.66
N TRP B 68 -31.35 23.50 4.74
CA TRP B 68 -30.46 24.63 5.01
C TRP B 68 -29.20 24.57 4.14
N GLY B 69 -28.80 23.39 3.69
CA GLY B 69 -27.71 23.28 2.75
C GLY B 69 -28.09 23.80 1.37
N GLN B 70 -29.25 23.36 0.87
CA GLN B 70 -29.74 23.86 -0.41
C GLN B 70 -29.83 25.38 -0.41
N LYS B 71 -30.40 25.95 0.65
CA LYS B 71 -30.60 27.39 0.67
C LYS B 71 -29.25 28.10 0.63
N ALA B 72 -28.26 27.60 1.38
CA ALA B 72 -26.98 28.28 1.45
C ALA B 72 -26.26 28.25 0.10
N LYS B 73 -26.33 27.11 -0.58
CA LYS B 73 -25.80 27.03 -1.94
C LYS B 73 -26.52 28.00 -2.86
N GLU B 74 -27.85 28.02 -2.76
CA GLU B 74 -28.66 28.96 -3.51
C GLU B 74 -28.23 30.41 -3.28
N LEU B 75 -28.03 30.78 -2.01
CA LEU B 75 -27.74 32.17 -1.70
C LEU B 75 -26.28 32.53 -1.96
N TYR B 76 -25.35 31.79 -1.35
CA TYR B 76 -23.98 32.28 -1.19
C TYR B 76 -22.92 31.44 -1.88
N GLU B 77 -23.28 30.31 -2.49
CA GLU B 77 -22.29 29.38 -3.03
C GLU B 77 -21.18 30.09 -3.81
N PRO B 78 -21.48 31.15 -4.58
CA PRO B 78 -20.40 31.82 -5.32
C PRO B 78 -19.59 32.84 -4.51
N ILE B 79 -20.08 33.28 -3.36
CA ILE B 79 -19.52 34.47 -2.71
C ILE B 79 -18.97 34.20 -1.32
N TRP B 80 -19.35 33.11 -0.64
CA TRP B 80 -19.02 32.99 0.77
C TRP B 80 -17.52 32.82 1.00
N GLN B 81 -16.84 32.10 0.11
CA GLN B 81 -15.40 31.93 0.26
C GLN B 81 -14.65 33.26 0.20
N GLN B 82 -15.31 34.35 -0.18
CA GLN B 82 -14.67 35.66 -0.26
C GLN B 82 -15.05 36.58 0.90
N PHE B 83 -15.93 36.15 1.80
CA PHE B 83 -16.28 36.98 2.96
C PHE B 83 -15.03 37.38 3.71
N THR B 84 -15.09 38.54 4.38
CA THR B 84 -13.98 38.99 5.19
C THR B 84 -14.01 38.36 6.59
N ASP B 85 -15.21 38.19 7.16
CA ASP B 85 -15.39 37.52 8.45
C ASP B 85 -14.91 36.07 8.31
N PRO B 86 -13.76 35.70 8.87
CA PRO B 86 -13.33 34.30 8.73
C PRO B 86 -14.21 33.32 9.48
N GLN B 87 -14.68 33.68 10.68
CA GLN B 87 -15.56 32.79 11.45
C GLN B 87 -16.81 32.44 10.66
N LEU B 88 -17.35 33.42 9.93
CA LEU B 88 -18.53 33.19 9.11
C LEU B 88 -18.23 32.24 7.94
N ARG B 89 -17.02 32.33 7.39
CA ARG B 89 -16.65 31.48 6.26
C ARG B 89 -16.76 30.00 6.63
N ARG B 90 -16.21 29.62 7.79
CA ARG B 90 -16.25 28.22 8.20
C ARG B 90 -17.67 27.79 8.57
N ILE B 91 -18.44 28.67 9.21
CA ILE B 91 -19.82 28.31 9.56
C ILE B 91 -20.57 27.87 8.32
N ILE B 92 -20.41 28.62 7.22
CA ILE B 92 -21.23 28.37 6.03
C ILE B 92 -20.67 27.23 5.21
N GLY B 93 -19.33 27.19 5.01
CA GLY B 93 -18.73 26.05 4.35
C GLY B 93 -19.15 24.73 4.97
N ALA B 94 -19.36 24.72 6.29
CA ALA B 94 -19.90 23.53 6.96
C ALA B 94 -21.34 23.31 6.56
N VAL B 95 -22.16 24.36 6.64
CA VAL B 95 -23.59 24.24 6.36
C VAL B 95 -23.81 23.71 4.96
N ARG B 96 -22.97 24.13 4.00
CA ARG B 96 -23.01 23.71 2.61
C ARG B 96 -22.52 22.28 2.39
N THR B 97 -22.07 21.58 3.42
CA THR B 97 -21.69 20.17 3.32
C THR B 97 -22.85 19.33 3.83
N LEU B 98 -23.51 18.61 2.92
CA LEU B 98 -24.77 17.95 3.26
C LEU B 98 -24.60 16.53 3.76
N GLY B 99 -23.49 15.86 3.43
CA GLY B 99 -23.27 14.51 3.92
C GLY B 99 -24.32 13.53 3.45
N SER B 100 -24.76 12.65 4.36
CA SER B 100 -25.83 11.72 4.02
C SER B 100 -27.16 12.41 3.72
N ALA B 101 -27.24 13.74 3.87
CA ALA B 101 -28.38 14.46 3.36
C ALA B 101 -28.42 14.45 1.84
N ASN B 102 -27.27 14.25 1.19
CA ASN B 102 -27.20 14.13 -0.26
C ASN B 102 -27.93 12.88 -0.77
N LEU B 103 -28.31 11.95 0.13
CA LEU B 103 -28.90 10.69 -0.32
C LEU B 103 -30.38 10.85 -0.67
N PRO B 104 -30.87 10.10 -1.65
CA PRO B 104 -32.32 9.99 -1.81
C PRO B 104 -32.92 9.40 -0.54
N LEU B 105 -34.25 9.51 -0.43
CA LEU B 105 -34.95 9.23 0.81
C LEU B 105 -34.87 7.74 1.17
N ALA B 106 -35.13 6.87 0.21
CA ALA B 106 -35.09 5.44 0.50
C ALA B 106 -33.68 4.99 0.87
N LYS B 107 -32.67 5.73 0.40
CA LYS B 107 -31.30 5.40 0.82
C LYS B 107 -31.02 5.96 2.21
N ARG B 108 -31.58 7.14 2.52
CA ARG B 108 -31.53 7.65 3.88
C ARG B 108 -31.90 6.56 4.88
N GLN B 109 -33.00 5.87 4.62
CA GLN B 109 -33.46 4.83 5.52
C GLN B 109 -32.39 3.77 5.70
N GLN B 110 -32.00 3.12 4.60
CA GLN B 110 -31.12 1.96 4.68
C GLN B 110 -29.83 2.31 5.42
N TYR B 111 -29.28 3.50 5.18
CA TYR B 111 -28.08 3.93 5.88
C TYR B 111 -28.32 4.04 7.39
N ASN B 112 -29.29 4.87 7.78
CA ASN B 112 -29.66 4.95 9.19
C ASN B 112 -29.93 3.56 9.77
N ALA B 113 -30.42 2.64 8.96
CA ALA B 113 -30.78 1.31 9.49
C ALA B 113 -29.58 0.37 9.64
N LEU B 114 -28.56 0.53 8.79
CA LEU B 114 -27.38 -0.31 8.96
C LEU B 114 -26.64 0.06 10.25
N LEU B 115 -26.52 1.35 10.52
CA LEU B 115 -25.89 1.80 11.75
C LEU B 115 -26.50 1.14 12.98
N SER B 116 -27.83 0.99 13.00
CA SER B 116 -28.49 0.43 14.17
C SER B 116 -28.21 -1.06 14.31
N GLN B 117 -28.15 -1.77 13.19
CA GLN B 117 -27.93 -3.20 13.27
C GLN B 117 -26.47 -3.55 13.57
N MET B 118 -25.52 -2.79 13.01
CA MET B 118 -24.12 -3.02 13.35
C MET B 118 -23.86 -2.73 14.83
N SER B 119 -24.44 -1.66 15.35
CA SER B 119 -24.30 -1.35 16.78
C SER B 119 -24.77 -2.52 17.63
N ARG B 120 -25.93 -3.08 17.31
CA ARG B 120 -26.49 -4.13 18.15
C ARG B 120 -25.68 -5.41 18.08
N ILE B 121 -25.21 -5.80 16.90
CA ILE B 121 -24.40 -7.01 16.81
C ILE B 121 -23.17 -6.88 17.70
N TYR B 122 -22.49 -5.74 17.65
CA TYR B 122 -21.26 -5.60 18.44
C TYR B 122 -21.55 -5.68 19.94
N SER B 123 -22.48 -4.86 20.41
CA SER B 123 -22.67 -4.73 21.85
C SER B 123 -23.46 -5.87 22.47
N THR B 124 -24.03 -6.79 21.67
CA THR B 124 -24.73 -7.94 22.21
C THR B 124 -24.03 -9.26 21.95
N ALA B 125 -22.91 -9.27 21.23
CA ALA B 125 -22.21 -10.52 20.94
C ALA B 125 -21.68 -11.17 22.21
N LYS B 126 -21.78 -12.51 22.25
CA LYS B 126 -21.37 -13.31 23.40
C LYS B 126 -20.50 -14.48 22.95
N VAL B 127 -19.73 -15.02 23.89
CA VAL B 127 -18.89 -16.20 23.69
C VAL B 127 -19.39 -17.28 24.65
N CYS B 128 -19.71 -18.46 24.11
CA CYS B 128 -20.37 -19.51 24.89
C CYS B 128 -19.55 -20.79 24.95
N LEU B 129 -19.92 -21.64 25.89
CA LEU B 129 -19.38 -23.01 26.05
C LEU B 129 -17.99 -23.02 26.64
N CYS B 136 -22.81 -17.89 29.22
CA CYS B 136 -22.08 -17.21 28.15
C CYS B 136 -21.43 -15.90 28.60
N TRP B 137 -20.23 -15.64 28.07
CA TRP B 137 -19.41 -14.50 28.47
C TRP B 137 -19.62 -13.28 27.58
N SER B 138 -19.69 -12.11 28.20
CA SER B 138 -19.79 -10.84 27.49
C SER B 138 -18.41 -10.19 27.38
N LEU B 139 -18.29 -9.25 26.45
CA LEU B 139 -17.01 -8.52 26.29
C LEU B 139 -16.65 -7.76 27.55
N ASP B 140 -17.59 -6.99 28.09
CA ASP B 140 -17.36 -6.16 29.28
C ASP B 140 -18.35 -6.64 30.34
N PRO B 141 -17.92 -7.25 31.46
CA PRO B 141 -16.56 -7.39 31.96
C PRO B 141 -15.86 -8.73 31.72
N ASP B 142 -16.58 -9.74 31.20
CA ASP B 142 -16.08 -11.12 31.29
C ASP B 142 -14.82 -11.33 30.47
N LEU B 143 -14.89 -11.09 29.15
CA LEU B 143 -13.73 -11.32 28.30
C LEU B 143 -12.61 -10.30 28.57
N THR B 144 -12.97 -9.05 28.87
CA THR B 144 -11.96 -8.06 29.26
C THR B 144 -11.14 -8.57 30.44
N ASN B 145 -11.81 -9.08 31.47
CA ASN B 145 -11.09 -9.55 32.65
C ASN B 145 -10.23 -10.77 32.34
N ILE B 146 -10.70 -11.68 31.47
CA ILE B 146 -9.87 -12.80 31.07
C ILE B 146 -8.60 -12.31 30.38
N LEU B 147 -8.75 -11.43 29.37
CA LEU B 147 -7.56 -10.93 28.67
C LEU B 147 -6.59 -10.20 29.59
N ALA B 148 -7.09 -9.53 30.66
CA ALA B 148 -6.21 -8.77 31.54
C ALA B 148 -5.49 -9.65 32.56
N SER B 149 -6.14 -10.72 33.03
CA SER B 149 -5.65 -11.44 34.20
C SER B 149 -5.25 -12.88 33.95
N SER B 150 -5.79 -13.55 32.92
CA SER B 150 -5.41 -14.93 32.71
C SER B 150 -3.99 -15.03 32.15
N ARG B 151 -3.23 -16.01 32.66
CA ARG B 151 -1.91 -16.35 32.14
C ARG B 151 -1.90 -17.77 31.55
N SER B 152 -3.07 -18.31 31.24
CA SER B 152 -3.18 -19.57 30.54
C SER B 152 -3.27 -19.29 29.03
N TYR B 153 -2.27 -19.74 28.29
CA TYR B 153 -2.26 -19.57 26.83
C TYR B 153 -3.57 -20.03 26.20
N ALA B 154 -4.06 -21.20 26.61
CA ALA B 154 -5.24 -21.76 25.94
C ALA B 154 -6.52 -21.02 26.30
N MET B 155 -6.64 -20.53 27.54
CA MET B 155 -7.83 -19.78 27.91
C MET B 155 -7.84 -18.42 27.25
N LEU B 156 -6.66 -17.77 27.19
CA LEU B 156 -6.54 -16.51 26.44
C LEU B 156 -6.92 -16.70 24.98
N LEU B 157 -6.43 -17.80 24.37
CA LEU B 157 -6.76 -18.08 22.97
C LEU B 157 -8.26 -18.26 22.80
N PHE B 158 -8.89 -19.02 23.70
CA PHE B 158 -10.31 -19.28 23.57
C PHE B 158 -11.11 -17.98 23.61
N ALA B 159 -10.73 -17.03 24.47
CA ALA B 159 -11.45 -15.75 24.53
C ALA B 159 -11.19 -14.87 23.31
N TRP B 160 -9.94 -14.81 22.84
CA TRP B 160 -9.60 -13.99 21.66
C TRP B 160 -10.28 -14.51 20.41
N GLU B 161 -10.15 -15.81 20.14
CA GLU B 161 -10.81 -16.41 18.98
C GLU B 161 -12.31 -16.29 19.09
N GLY B 162 -12.87 -16.57 20.27
CA GLY B 162 -14.31 -16.53 20.43
C GLY B 162 -14.88 -15.16 20.15
N TRP B 163 -14.25 -14.11 20.71
CA TRP B 163 -14.76 -12.76 20.50
C TRP B 163 -14.66 -12.35 19.02
N HIS B 164 -13.50 -12.58 18.41
CA HIS B 164 -13.34 -12.12 17.03
C HIS B 164 -14.31 -12.83 16.09
N ASN B 165 -14.52 -14.13 16.29
CA ASN B 165 -15.47 -14.88 15.47
C ASN B 165 -16.90 -14.38 15.69
N ALA B 166 -17.27 -14.15 16.95
CA ALA B 166 -18.66 -13.83 17.29
C ALA B 166 -19.07 -12.45 16.81
N ALA B 167 -18.19 -11.46 16.94
CA ALA B 167 -18.53 -10.10 16.52
C ALA B 167 -18.26 -9.88 15.03
N GLY B 168 -17.15 -10.39 14.51
CA GLY B 168 -16.72 -10.03 13.17
C GLY B 168 -17.51 -10.69 12.04
N ILE B 169 -17.66 -12.01 12.09
CA ILE B 169 -18.28 -12.74 10.96
C ILE B 169 -19.64 -12.17 10.59
N PRO B 170 -20.60 -12.00 11.50
CA PRO B 170 -21.92 -11.47 11.10
C PRO B 170 -21.92 -10.02 10.66
N LEU B 171 -20.88 -9.23 11.00
CA LEU B 171 -20.87 -7.83 10.62
C LEU B 171 -20.48 -7.60 9.17
N LYS B 172 -19.71 -8.50 8.57
CA LYS B 172 -19.09 -8.20 7.28
C LYS B 172 -20.11 -7.86 6.20
N PRO B 173 -21.14 -8.66 5.95
CA PRO B 173 -22.11 -8.29 4.90
C PRO B 173 -22.69 -6.91 5.10
N LEU B 174 -22.94 -6.52 6.36
CA LEU B 174 -23.49 -5.19 6.62
C LEU B 174 -22.48 -4.09 6.38
N TYR B 175 -21.22 -4.30 6.76
CA TYR B 175 -20.22 -3.25 6.60
C TYR B 175 -20.00 -2.93 5.12
N GLU B 176 -20.06 -3.95 4.26
N GLU B 176 -20.05 -3.94 4.27
CA GLU B 176 -19.93 -3.73 2.82
CA GLU B 176 -19.92 -3.69 2.83
C GLU B 176 -21.02 -2.79 2.32
C GLU B 176 -21.03 -2.76 2.34
N ASP B 177 -22.27 -3.02 2.75
CA ASP B 177 -23.38 -2.15 2.33
C ASP B 177 -23.22 -0.74 2.88
N PHE B 178 -22.80 -0.60 4.14
CA PHE B 178 -22.62 0.73 4.71
C PHE B 178 -21.59 1.53 3.93
N THR B 179 -20.46 0.90 3.62
CA THR B 179 -19.38 1.59 2.91
C THR B 179 -19.88 2.18 1.59
N ALA B 180 -20.63 1.39 0.82
CA ALA B 180 -21.13 1.87 -0.48
C ALA B 180 -22.04 3.08 -0.32
N LEU B 181 -23.01 2.99 0.60
CA LEU B 181 -23.94 4.10 0.83
C LEU B 181 -23.22 5.34 1.33
N SER B 182 -22.28 5.17 2.27
CA SER B 182 -21.56 6.31 2.77
C SER B 182 -20.77 7.00 1.67
N ASN B 183 -20.18 6.23 0.76
CA ASN B 183 -19.40 6.83 -0.32
C ASN B 183 -20.32 7.62 -1.25
N GLU B 184 -21.47 7.06 -1.62
CA GLU B 184 -22.47 7.76 -2.43
C GLU B 184 -22.71 9.19 -1.95
N ALA B 185 -23.09 9.31 -0.67
CA ALA B 185 -23.44 10.60 -0.08
C ALA B 185 -22.36 11.65 -0.29
N TYR B 186 -21.14 11.37 0.16
CA TYR B 186 -20.16 12.44 0.20
C TYR B 186 -19.55 12.74 -1.16
N LYS B 187 -19.72 11.87 -2.17
CA LYS B 187 -19.32 12.28 -3.52
C LYS B 187 -20.08 13.54 -3.92
N GLN B 188 -21.36 13.57 -3.59
CA GLN B 188 -22.22 14.69 -3.92
C GLN B 188 -21.85 15.97 -3.20
N ASP B 189 -20.88 15.95 -2.28
CA ASP B 189 -20.31 17.17 -1.73
C ASP B 189 -18.97 17.51 -2.36
N GLY B 190 -18.49 16.67 -3.27
CA GLY B 190 -17.23 16.92 -3.94
C GLY B 190 -16.06 16.12 -3.43
N PHE B 191 -16.30 15.17 -2.53
CA PHE B 191 -15.23 14.34 -1.95
C PHE B 191 -15.11 13.06 -2.75
N THR B 192 -13.87 12.72 -3.12
CA THR B 192 -13.64 11.46 -3.83
C THR B 192 -14.23 10.28 -3.07
N ASP B 193 -14.13 10.27 -1.75
CA ASP B 193 -14.75 9.23 -0.94
C ASP B 193 -14.88 9.70 0.50
N THR B 194 -15.53 8.88 1.32
CA THR B 194 -15.79 9.26 2.70
C THR B 194 -14.50 9.55 3.48
N GLY B 195 -13.46 8.74 3.26
CA GLY B 195 -12.20 8.97 3.94
C GLY B 195 -11.65 10.35 3.67
N ALA B 196 -11.82 10.82 2.42
CA ALA B 196 -11.39 12.16 2.08
C ALA B 196 -12.15 13.21 2.88
N TYR B 197 -13.44 12.98 3.10
CA TYR B 197 -14.19 13.90 3.93
C TYR B 197 -13.67 13.91 5.37
N TRP B 198 -13.34 12.73 5.92
CA TRP B 198 -12.81 12.65 7.29
C TRP B 198 -11.50 13.42 7.42
N ARG B 199 -10.58 13.25 6.45
CA ARG B 199 -9.29 13.91 6.53
C ARG B 199 -9.41 15.43 6.39
N SER B 200 -10.47 15.92 5.72
CA SER B 200 -10.59 17.36 5.52
C SER B 200 -10.72 18.11 6.83
N TRP B 201 -11.35 17.50 7.85
CA TRP B 201 -11.52 18.15 9.14
C TRP B 201 -10.24 18.77 9.66
N TYR B 202 -9.07 18.30 9.21
CA TYR B 202 -7.81 18.80 9.71
C TYR B 202 -7.26 19.96 8.88
N ASN B 203 -7.89 20.28 7.75
CA ASN B 203 -7.53 21.44 6.94
C ASN B 203 -6.02 21.52 6.75
N SER B 204 -5.47 20.44 6.23
CA SER B 204 -4.06 20.41 5.95
C SER B 204 -3.86 19.68 4.63
N PRO B 205 -3.27 20.31 3.62
CA PRO B 205 -3.04 19.60 2.35
C PRO B 205 -2.02 18.47 2.47
N THR B 206 -1.20 18.48 3.52
CA THR B 206 -0.11 17.52 3.68
C THR B 206 -0.33 16.60 4.89
N PHE B 207 -1.58 16.30 5.23
CA PHE B 207 -1.90 15.55 6.45
C PHE B 207 -1.20 14.19 6.48
N GLU B 208 -1.39 13.38 5.45
CA GLU B 208 -0.89 12.01 5.48
C GLU B 208 0.64 11.97 5.54
N ASP B 209 1.31 12.83 4.77
CA ASP B 209 2.76 12.90 4.84
C ASP B 209 3.23 13.35 6.23
N ASP B 210 2.52 14.32 6.83
CA ASP B 210 2.91 14.79 8.16
C ASP B 210 2.76 13.68 9.21
N LEU B 211 1.68 12.91 9.13
CA LEU B 211 1.52 11.75 10.01
C LEU B 211 2.67 10.76 9.82
N GLU B 212 2.98 10.42 8.57
CA GLU B 212 4.05 9.47 8.32
C GLU B 212 5.36 9.95 8.94
N HIS B 213 5.65 11.25 8.87
CA HIS B 213 6.92 11.73 9.39
C HIS B 213 6.95 11.69 10.92
N LEU B 214 5.81 11.93 11.56
CA LEU B 214 5.75 11.70 13.01
C LEU B 214 6.04 10.24 13.34
N TYR B 215 5.39 9.30 12.66
CA TYR B 215 5.57 7.90 13.04
C TYR B 215 7.02 7.45 12.87
N GLN B 216 7.72 7.96 11.85
CA GLN B 216 9.14 7.62 11.69
C GLN B 216 9.98 8.00 12.90
N GLN B 217 9.63 9.11 13.56
CA GLN B 217 10.38 9.53 14.75
C GLN B 217 10.05 8.67 15.96
N LEU B 218 8.82 8.15 16.01
CA LEU B 218 8.33 7.38 17.13
C LEU B 218 8.65 5.89 17.04
N GLU B 219 8.85 5.36 15.83
CA GLU B 219 8.96 3.91 15.66
C GLU B 219 10.09 3.27 16.43
N PRO B 220 11.29 3.86 16.54
CA PRO B 220 12.35 3.22 17.33
C PRO B 220 11.94 2.99 18.78
N LEU B 221 11.18 3.91 19.37
CA LEU B 221 10.70 3.69 20.73
C LEU B 221 9.79 2.47 20.80
N TYR B 222 8.89 2.31 19.83
CA TYR B 222 8.02 1.14 19.83
C TYR B 222 8.81 -0.14 19.60
N LEU B 223 9.75 -0.14 18.63
CA LEU B 223 10.49 -1.37 18.37
C LEU B 223 11.26 -1.84 19.60
N ASN B 224 11.82 -0.92 20.37
CA ASN B 224 12.58 -1.34 21.56
C ASN B 224 11.65 -1.81 22.68
N LEU B 225 10.48 -1.17 22.84
CA LEU B 225 9.52 -1.67 23.82
C LEU B 225 9.04 -3.07 23.43
N HIS B 226 8.73 -3.26 22.14
CA HIS B 226 8.29 -4.55 21.62
C HIS B 226 9.30 -5.66 21.90
N ALA B 227 10.56 -5.45 21.55
CA ALA B 227 11.57 -6.49 21.76
C ALA B 227 11.70 -6.84 23.25
N PHE B 228 11.66 -5.82 24.11
CA PHE B 228 11.80 -6.04 25.56
C PHE B 228 10.64 -6.85 26.12
N VAL B 229 9.41 -6.54 25.66
CA VAL B 229 8.25 -7.29 26.13
C VAL B 229 8.23 -8.69 25.53
N ARG B 230 8.65 -8.84 24.27
CA ARG B 230 8.67 -10.17 23.67
C ARG B 230 9.60 -11.10 24.46
N ARG B 231 10.73 -10.58 24.92
CA ARG B 231 11.65 -11.39 25.73
C ARG B 231 10.95 -11.92 26.99
N ALA B 232 10.18 -11.07 27.65
CA ALA B 232 9.47 -11.49 28.85
C ALA B 232 8.39 -12.53 28.57
N LEU B 233 7.66 -12.37 27.46
CA LEU B 233 6.68 -13.39 27.08
C LEU B 233 7.37 -14.72 26.76
N HIS B 234 8.60 -14.67 26.24
CA HIS B 234 9.33 -15.91 25.94
C HIS B 234 9.69 -16.65 27.23
N ARG B 235 10.15 -15.93 28.25
CA ARG B 235 10.37 -16.56 29.54
C ARG B 235 9.08 -17.18 30.08
N ARG B 236 7.94 -16.51 29.90
CA ARG B 236 6.70 -16.98 30.51
C ARG B 236 6.11 -18.18 29.78
N TYR B 237 6.17 -18.19 28.44
CA TYR B 237 5.42 -19.16 27.63
C TYR B 237 6.29 -20.11 26.84
N GLY B 238 7.59 -19.87 26.73
CA GLY B 238 8.49 -20.82 26.12
C GLY B 238 8.62 -20.66 24.60
N ASP B 239 9.63 -21.33 24.06
CA ASP B 239 9.97 -21.19 22.65
C ASP B 239 8.95 -21.80 21.72
N ARG B 240 8.04 -22.62 22.23
CA ARG B 240 7.00 -23.16 21.36
C ARG B 240 6.01 -22.08 20.95
N TYR B 241 5.77 -21.10 21.81
CA TYR B 241 4.70 -20.14 21.60
C TYR B 241 5.19 -18.73 21.29
N ILE B 242 6.47 -18.46 21.48
CA ILE B 242 7.05 -17.14 21.24
C ILE B 242 8.29 -17.33 20.37
N ASN B 243 8.34 -16.59 19.26
CA ASN B 243 9.47 -16.55 18.33
C ASN B 243 10.22 -15.24 18.56
N LEU B 244 11.46 -15.34 19.07
CA LEU B 244 12.25 -14.16 19.41
C LEU B 244 12.61 -13.30 18.21
N ARG B 245 12.31 -13.74 17.00
CA ARG B 245 12.56 -12.97 15.79
C ARG B 245 11.31 -12.81 14.94
N GLY B 246 10.12 -13.10 15.50
CA GLY B 246 8.86 -12.97 14.80
C GLY B 246 7.82 -12.14 15.55
N PRO B 247 6.61 -12.03 14.95
CA PRO B 247 5.56 -11.22 15.59
C PRO B 247 5.03 -11.89 16.86
N ILE B 248 4.56 -11.07 17.79
CA ILE B 248 3.96 -11.56 19.05
C ILE B 248 2.53 -12.04 18.78
N PRO B 249 2.15 -13.23 19.26
CA PRO B 249 0.73 -13.63 19.19
C PRO B 249 -0.20 -12.61 19.84
N ALA B 250 -1.31 -12.29 19.15
CA ALA B 250 -2.08 -11.07 19.40
C ALA B 250 -2.92 -11.14 20.66
N HIS B 251 -2.95 -12.27 21.36
CA HIS B 251 -3.78 -12.45 22.54
C HIS B 251 -3.00 -12.37 23.86
N LEU B 252 -1.70 -12.08 23.83
CA LEU B 252 -0.86 -12.23 25.03
C LEU B 252 -0.47 -10.91 25.68
N LEU B 253 -1.03 -9.78 25.28
CA LEU B 253 -0.53 -8.49 25.74
C LEU B 253 -1.49 -7.77 26.70
N GLY B 254 -2.51 -8.45 27.21
CA GLY B 254 -3.33 -7.93 28.30
C GLY B 254 -4.63 -7.29 27.88
N ASP B 255 -4.89 -7.20 26.57
CA ASP B 255 -5.95 -6.39 25.98
C ASP B 255 -6.44 -7.09 24.72
N MET B 256 -7.76 -7.05 24.48
CA MET B 256 -8.34 -7.78 23.35
C MET B 256 -7.73 -7.37 22.00
N TRP B 257 -7.35 -6.09 21.86
CA TRP B 257 -6.80 -5.56 20.61
C TRP B 257 -5.30 -5.36 20.67
N ALA B 258 -4.65 -5.77 21.76
CA ALA B 258 -3.21 -5.52 21.97
C ALA B 258 -2.87 -4.03 21.83
N GLN B 259 -3.82 -3.14 22.13
CA GLN B 259 -3.61 -1.70 21.91
C GLN B 259 -3.00 -0.98 23.11
N THR B 260 -3.13 -1.56 24.29
CA THR B 260 -2.48 -1.10 25.50
C THR B 260 -2.00 -2.33 26.28
N TRP B 261 -0.79 -2.24 26.83
CA TRP B 261 -0.12 -3.40 27.42
C TRP B 261 0.01 -3.26 28.95
N SER B 262 -0.75 -2.34 29.56
CA SER B 262 -0.62 -2.10 31.01
C SER B 262 -0.77 -3.36 31.85
N ASN B 263 -1.64 -4.27 31.43
CA ASN B 263 -1.98 -5.41 32.27
C ASN B 263 -0.85 -6.45 32.40
N ILE B 264 0.21 -6.39 31.59
CA ILE B 264 1.33 -7.32 31.77
C ILE B 264 2.52 -6.65 32.46
N TYR B 265 2.30 -5.47 33.08
CA TYR B 265 3.39 -4.78 33.78
C TYR B 265 4.10 -5.69 34.79
N ASP B 266 3.34 -6.52 35.51
CA ASP B 266 3.98 -7.37 36.51
C ASP B 266 5.03 -8.31 35.93
N MET B 267 4.94 -8.68 34.64
CA MET B 267 5.96 -9.54 34.06
C MET B 267 7.18 -8.79 33.53
N VAL B 268 7.14 -7.47 33.43
CA VAL B 268 8.22 -6.72 32.77
C VAL B 268 8.85 -5.66 33.65
N VAL B 269 8.43 -5.52 34.90
CA VAL B 269 8.88 -4.44 35.77
C VAL B 269 10.40 -4.45 35.83
N PRO B 270 11.06 -3.34 35.44
CA PRO B 270 12.53 -3.36 35.39
C PRO B 270 13.21 -3.64 36.71
N PHE B 271 12.71 -3.09 37.82
CA PHE B 271 13.33 -3.21 39.14
C PHE B 271 12.27 -3.77 40.07
N PRO B 272 12.07 -5.09 40.08
CA PRO B 272 10.79 -5.67 40.54
C PRO B 272 10.43 -5.52 42.02
N ASP B 273 11.32 -5.02 42.87
CA ASP B 273 11.09 -5.10 44.31
C ASP B 273 10.24 -3.95 44.85
N LYS B 274 10.29 -2.79 44.22
CA LYS B 274 9.94 -1.52 44.84
C LYS B 274 8.42 -1.34 44.93
N PRO B 275 7.91 -0.17 45.32
CA PRO B 275 6.45 -0.05 45.53
C PRO B 275 5.67 -0.45 44.29
N ASN B 276 4.64 -1.27 44.50
CA ASN B 276 3.78 -1.75 43.42
C ASN B 276 3.02 -0.56 42.85
N LEU B 277 3.47 -0.07 41.69
CA LEU B 277 2.76 1.00 41.00
C LEU B 277 1.42 0.53 40.44
N ASP B 278 1.05 -0.73 40.62
CA ASP B 278 -0.31 -1.18 40.33
C ASP B 278 -1.14 -0.88 41.56
N VAL B 279 -1.82 0.27 41.55
CA VAL B 279 -2.66 0.64 42.68
C VAL B 279 -4.04 0.03 42.60
N THR B 280 -4.30 -0.82 41.61
CA THR B 280 -5.62 -1.41 41.53
C THR B 280 -5.96 -2.16 42.83
N SER B 281 -5.02 -2.95 43.37
CA SER B 281 -5.29 -3.71 44.59
C SER B 281 -5.60 -2.79 45.77
N THR B 282 -4.85 -1.70 45.90
CA THR B 282 -5.14 -0.71 46.93
C THR B 282 -6.53 -0.11 46.77
N MET B 283 -6.93 0.22 45.52
CA MET B 283 -8.27 0.73 45.30
C MET B 283 -9.33 -0.26 45.79
N LEU B 284 -9.11 -1.54 45.54
CA LEU B 284 -10.04 -2.56 46.02
C LEU B 284 -9.95 -2.68 47.53
N GLN B 285 -8.72 -2.72 48.07
CA GLN B 285 -8.52 -2.80 49.51
C GLN B 285 -9.27 -1.69 50.23
N GLN B 286 -9.29 -0.48 49.67
CA GLN B 286 -9.94 0.69 50.28
C GLN B 286 -11.42 0.85 49.91
N GLY B 287 -11.95 0.02 49.02
CA GLY B 287 -13.37 0.08 48.74
C GLY B 287 -13.85 1.15 47.76
N TRP B 288 -12.99 1.58 46.84
CA TRP B 288 -13.43 2.53 45.82
C TRP B 288 -14.59 1.93 45.00
N GLN B 289 -15.50 2.79 44.59
CA GLN B 289 -16.58 2.49 43.68
C GLN B 289 -16.56 3.51 42.55
N ALA B 290 -17.43 3.30 41.55
CA ALA B 290 -17.48 4.21 40.41
C ALA B 290 -17.73 5.64 40.84
N THR B 291 -18.66 5.84 41.77
CA THR B 291 -19.00 7.19 42.20
C THR B 291 -17.75 7.91 42.74
N HIS B 292 -16.93 7.20 43.51
CA HIS B 292 -15.71 7.79 44.04
C HIS B 292 -14.76 8.20 42.92
N MET B 293 -14.60 7.33 41.92
CA MET B 293 -13.70 7.59 40.81
C MET B 293 -14.10 8.87 40.08
N PHE B 294 -15.39 9.05 39.80
CA PHE B 294 -15.84 10.23 39.08
C PHE B 294 -15.69 11.51 39.93
N ARG B 295 -15.92 11.43 41.24
CA ARG B 295 -15.75 12.60 42.12
C ARG B 295 -14.30 13.01 42.24
N VAL B 296 -13.39 12.04 42.30
CA VAL B 296 -11.97 12.33 42.34
C VAL B 296 -11.50 12.95 41.04
N ALA B 297 -12.00 12.46 39.90
CA ALA B 297 -11.68 13.12 38.64
C ALA B 297 -12.23 14.56 38.62
N GLU B 298 -13.48 14.73 39.02
CA GLU B 298 -14.09 16.06 39.06
C GLU B 298 -13.23 17.04 39.86
N GLU B 299 -12.75 16.59 41.00
CA GLU B 299 -12.06 17.53 41.89
C GLU B 299 -10.72 17.97 41.29
N PHE B 300 -10.08 17.13 40.45
CA PHE B 300 -8.90 17.63 39.76
C PHE B 300 -9.27 18.79 38.83
N PHE B 301 -10.41 18.67 38.14
CA PHE B 301 -10.85 19.75 37.24
C PHE B 301 -11.12 21.04 38.03
N THR B 302 -11.85 20.93 39.15
CA THR B 302 -12.16 22.12 39.95
C THR B 302 -10.94 22.67 40.64
N SER B 303 -9.93 21.84 40.93
CA SER B 303 -8.69 22.38 41.50
C SER B 303 -8.04 23.38 40.55
N LEU B 304 -8.33 23.28 39.25
CA LEU B 304 -7.80 24.16 38.23
C LEU B 304 -8.71 25.34 37.97
N GLU B 305 -9.81 25.45 38.72
CA GLU B 305 -10.87 26.43 38.47
C GLU B 305 -11.53 26.21 37.13
N LEU B 306 -11.63 24.96 36.70
CA LEU B 306 -12.57 24.58 35.66
C LEU B 306 -13.89 24.21 36.34
N SER B 307 -14.85 23.83 35.53
CA SER B 307 -16.20 23.69 36.03
C SER B 307 -16.44 22.32 36.64
N PRO B 308 -17.27 22.28 37.69
CA PRO B 308 -17.75 20.99 38.21
C PRO B 308 -18.77 20.38 37.26
N MET B 309 -19.07 19.10 37.49
CA MET B 309 -20.14 18.45 36.72
C MET B 309 -21.47 18.98 37.25
N PRO B 310 -22.41 19.34 36.38
CA PRO B 310 -23.67 19.94 36.86
C PRO B 310 -24.63 18.89 37.40
N PRO B 311 -25.66 19.31 38.15
CA PRO B 311 -26.61 18.34 38.69
C PRO B 311 -27.19 17.43 37.62
N GLU B 312 -27.48 17.97 36.44
CA GLU B 312 -28.01 17.18 35.34
C GLU B 312 -27.12 15.99 34.99
N PHE B 313 -25.79 16.18 35.09
CA PHE B 313 -24.84 15.08 34.85
C PHE B 313 -25.01 13.97 35.86
N TRP B 314 -25.03 14.32 37.16
CA TRP B 314 -25.13 13.28 38.18
C TRP B 314 -26.49 12.59 38.15
N GLU B 315 -27.56 13.31 37.82
CA GLU B 315 -28.88 12.69 37.81
C GLU B 315 -29.10 11.82 36.57
N GLY B 316 -28.47 12.15 35.44
CA GLY B 316 -28.75 11.48 34.17
C GLY B 316 -27.73 10.46 33.68
N SER B 317 -26.51 10.52 34.18
CA SER B 317 -25.47 9.61 33.69
C SER B 317 -25.71 8.18 34.15
N MET B 318 -25.12 7.23 33.41
CA MET B 318 -25.08 5.82 33.78
C MET B 318 -23.62 5.44 34.05
N LEU B 319 -23.27 5.23 35.31
CA LEU B 319 -21.87 5.04 35.69
C LEU B 319 -21.53 3.59 36.04
N GLU B 320 -22.51 2.69 36.06
CA GLU B 320 -22.24 1.28 36.25
C GLU B 320 -23.10 0.49 35.28
N LYS B 321 -22.72 -0.76 35.07
CA LYS B 321 -23.50 -1.61 34.17
C LYS B 321 -24.80 -2.03 34.86
N PRO B 322 -25.96 -1.79 34.26
CA PRO B 322 -27.23 -2.14 34.92
C PRO B 322 -27.28 -3.60 35.31
N ALA B 323 -27.74 -3.84 36.53
CA ALA B 323 -27.93 -5.18 37.03
C ALA B 323 -29.32 -5.74 36.76
N ASP B 324 -30.22 -4.92 36.20
CA ASP B 324 -31.51 -5.43 35.72
C ASP B 324 -31.37 -6.29 34.48
N GLY B 325 -30.13 -6.57 34.05
CA GLY B 325 -29.87 -7.48 32.96
C GLY B 325 -29.95 -6.85 31.59
N ARG B 326 -30.79 -5.82 31.46
CA ARG B 326 -31.04 -5.23 30.16
C ARG B 326 -29.73 -4.93 29.43
N GLU B 327 -29.80 -4.97 28.10
CA GLU B 327 -28.62 -4.85 27.27
C GLU B 327 -28.25 -3.39 27.06
N VAL B 328 -26.96 -3.08 27.19
CA VAL B 328 -26.47 -1.74 26.97
C VAL B 328 -25.22 -1.83 26.09
N VAL B 329 -24.89 -0.69 25.48
CA VAL B 329 -23.59 -0.43 24.89
C VAL B 329 -22.65 -0.09 26.04
N CYS B 330 -21.80 -1.02 26.45
CA CYS B 330 -20.94 -0.75 27.60
C CYS B 330 -19.75 0.15 27.27
N HIS B 331 -19.32 0.20 26.00
CA HIS B 331 -18.16 1.01 25.63
C HIS B 331 -18.34 2.45 26.10
N ALA B 332 -17.37 2.96 26.87
CA ALA B 332 -17.54 4.24 27.56
C ALA B 332 -17.67 5.42 26.60
N SER B 333 -18.58 6.35 26.91
CA SER B 333 -18.77 7.48 26.01
C SER B 333 -19.35 8.68 26.73
N ALA B 334 -19.09 9.86 26.17
CA ALA B 334 -19.50 11.17 26.69
C ALA B 334 -20.47 11.83 25.71
N TRP B 335 -21.43 12.58 26.25
CA TRP B 335 -22.64 12.98 25.52
C TRP B 335 -22.96 14.45 25.70
N ASP B 336 -23.11 15.14 24.57
CA ASP B 336 -23.55 16.55 24.51
C ASP B 336 -24.90 16.59 23.80
N PHE B 337 -25.91 17.15 24.45
CA PHE B 337 -27.27 17.13 23.93
C PHE B 337 -27.68 18.40 23.20
N TYR B 338 -26.76 19.35 22.98
CA TYR B 338 -27.09 20.58 22.26
C TYR B 338 -28.39 21.20 22.81
N ASN B 339 -28.37 21.46 24.15
CA ASN B 339 -29.41 22.25 24.81
C ASN B 339 -28.85 23.10 25.96
N ARG B 340 -27.53 23.20 26.09
CA ARG B 340 -26.84 23.97 27.12
C ARG B 340 -27.19 23.54 28.55
N LYS B 341 -27.78 22.35 28.73
CA LYS B 341 -28.19 21.89 30.04
C LYS B 341 -27.77 20.44 30.33
N ASP B 342 -28.02 19.52 29.39
CA ASP B 342 -27.81 18.10 29.65
C ASP B 342 -26.47 17.63 29.08
N PHE B 343 -25.73 16.89 29.91
CA PHE B 343 -24.41 16.34 29.60
C PHE B 343 -24.27 15.09 30.44
N ARG B 344 -23.83 13.98 29.82
CA ARG B 344 -23.79 12.72 30.54
C ARG B 344 -22.63 11.85 30.08
N ILE B 345 -22.28 10.88 30.94
CA ILE B 345 -21.37 9.78 30.60
C ILE B 345 -22.10 8.48 30.81
N LYS B 346 -21.90 7.54 29.88
CA LYS B 346 -22.40 6.17 29.94
C LYS B 346 -21.18 5.25 29.95
N GLN B 347 -20.89 4.61 31.08
CA GLN B 347 -19.70 3.77 31.24
C GLN B 347 -20.02 2.62 32.18
N CYS B 348 -19.69 1.39 31.75
CA CYS B 348 -19.77 0.20 32.61
C CYS B 348 -18.52 0.10 33.49
N THR B 349 -18.39 1.07 34.40
CA THR B 349 -17.14 1.28 35.13
C THR B 349 -16.73 0.08 35.99
N ARG B 350 -15.46 -0.29 35.91
CA ARG B 350 -14.80 -1.26 36.77
C ARG B 350 -13.74 -0.56 37.62
N VAL B 351 -13.38 -1.15 38.75
CA VAL B 351 -12.53 -0.50 39.75
C VAL B 351 -11.09 -0.94 39.48
N THR B 352 -10.40 -0.19 38.62
CA THR B 352 -9.00 -0.42 38.29
C THR B 352 -8.33 0.92 37.99
N MET B 353 -7.00 0.96 38.04
N MET B 353 -7.00 0.94 38.05
CA MET B 353 -6.30 2.21 37.71
CA MET B 353 -6.25 2.14 37.70
C MET B 353 -6.52 2.57 36.24
C MET B 353 -6.51 2.56 36.26
N GLU B 354 -6.62 1.59 35.36
CA GLU B 354 -6.80 1.90 33.94
C GLU B 354 -8.19 2.51 33.70
N GLN B 355 -9.20 2.02 34.42
CA GLN B 355 -10.52 2.62 34.32
C GLN B 355 -10.56 4.04 34.90
N LEU B 356 -9.76 4.32 35.94
CA LEU B 356 -9.71 5.68 36.46
C LEU B 356 -9.19 6.64 35.40
N VAL B 357 -8.24 6.18 34.59
CA VAL B 357 -7.77 6.96 33.46
C VAL B 357 -8.88 7.17 32.44
N VAL B 358 -9.66 6.12 32.12
CA VAL B 358 -10.79 6.26 31.19
C VAL B 358 -11.80 7.27 31.74
N VAL B 359 -12.04 7.24 33.05
CA VAL B 359 -12.97 8.21 33.64
C VAL B 359 -12.49 9.63 33.37
N HIS B 360 -11.18 9.88 33.56
CA HIS B 360 -10.63 11.20 33.25
C HIS B 360 -10.77 11.52 31.75
N HIS B 361 -10.52 10.54 30.88
CA HIS B 361 -10.68 10.75 29.43
C HIS B 361 -12.08 11.23 29.09
N GLU B 362 -13.09 10.54 29.60
CA GLU B 362 -14.48 10.89 29.31
C GLU B 362 -14.87 12.23 29.93
N MET B 363 -14.40 12.52 31.14
CA MET B 363 -14.75 13.81 31.74
C MET B 363 -14.06 14.95 31.03
N GLY B 364 -12.94 14.68 30.36
CA GLY B 364 -12.32 15.69 29.52
C GLY B 364 -13.23 16.14 28.40
N HIS B 365 -13.95 15.19 27.75
CA HIS B 365 -14.95 15.55 26.75
C HIS B 365 -16.06 16.41 27.34
N ILE B 366 -16.58 16.01 28.50
CA ILE B 366 -17.66 16.78 29.14
C ILE B 366 -17.21 18.21 29.41
N GLN B 367 -16.00 18.38 29.95
CA GLN B 367 -15.50 19.73 30.25
C GLN B 367 -15.52 20.59 28.98
N TYR B 368 -15.06 20.04 27.86
CA TYR B 368 -15.21 20.71 26.57
C TYR B 368 -16.66 21.11 26.33
N PHE B 369 -17.58 20.15 26.47
CA PHE B 369 -19.00 20.43 26.23
C PHE B 369 -19.47 21.60 27.09
N LEU B 370 -18.96 21.71 28.31
CA LEU B 370 -19.44 22.74 29.22
C LEU B 370 -18.88 24.11 28.83
N GLN B 371 -17.60 24.16 28.48
CA GLN B 371 -16.93 25.43 28.21
C GLN B 371 -17.37 26.09 26.91
N TYR B 372 -18.11 25.39 26.02
CA TYR B 372 -18.56 26.00 24.77
C TYR B 372 -20.04 25.77 24.50
N LYS B 373 -20.86 25.48 25.52
CA LYS B 373 -22.28 25.26 25.29
C LYS B 373 -22.99 26.53 24.83
N ASP B 374 -22.51 27.71 25.23
CA ASP B 374 -23.11 28.96 24.81
C ASP B 374 -22.59 29.42 23.45
N LEU B 375 -22.49 28.50 22.50
CA LEU B 375 -21.97 28.79 21.18
C LEU B 375 -22.96 28.38 20.11
N PRO B 376 -22.89 29.02 18.94
CA PRO B 376 -23.58 28.47 17.77
C PRO B 376 -22.98 27.12 17.47
N VAL B 377 -23.83 26.11 17.42
CA VAL B 377 -23.42 24.72 17.38
C VAL B 377 -22.20 24.50 16.48
N SER B 378 -22.17 25.12 15.30
CA SER B 378 -21.12 24.82 14.33
C SER B 378 -19.72 25.07 14.89
N LEU B 379 -19.60 25.88 15.94
CA LEU B 379 -18.33 26.09 16.62
C LEU B 379 -18.18 25.19 17.85
N ARG B 380 -19.19 24.36 18.15
CA ARG B 380 -19.20 23.51 19.33
C ARG B 380 -18.49 22.17 19.02
N GLU B 381 -17.19 22.30 18.75
CA GLU B 381 -16.38 21.15 18.41
C GLU B 381 -14.98 21.47 18.91
N GLY B 382 -14.13 20.46 18.93
CA GLY B 382 -12.73 20.72 19.19
C GLY B 382 -12.14 21.55 18.06
N ALA B 383 -11.10 22.29 18.37
CA ALA B 383 -10.27 22.89 17.33
C ALA B 383 -10.11 21.90 16.19
N ASN B 384 -9.71 20.65 16.53
CA ASN B 384 -9.91 19.48 15.66
C ASN B 384 -10.23 18.28 16.54
N PRO B 385 -10.58 17.11 15.96
CA PRO B 385 -10.99 15.97 16.81
C PRO B 385 -9.92 15.49 17.76
N GLY B 386 -8.63 15.64 17.42
CA GLY B 386 -7.57 15.22 18.32
C GLY B 386 -7.46 16.10 19.55
N PHE B 387 -7.87 17.37 19.43
CA PHE B 387 -7.96 18.23 20.61
C PHE B 387 -8.91 17.66 21.63
N HIS B 388 -10.10 17.26 21.19
CA HIS B 388 -11.12 16.73 22.08
C HIS B 388 -10.62 15.49 22.80
N GLU B 389 -9.89 14.61 22.08
CA GLU B 389 -9.40 13.38 22.68
C GLU B 389 -8.24 13.60 23.65
N ALA B 390 -7.56 14.75 23.60
CA ALA B 390 -6.38 14.93 24.43
C ALA B 390 -6.69 15.51 25.81
N ILE B 391 -7.86 16.12 26.02
CA ILE B 391 -8.07 16.97 27.20
C ILE B 391 -7.97 16.16 28.48
N GLY B 392 -8.73 15.06 28.58
CA GLY B 392 -8.70 14.27 29.80
C GLY B 392 -7.38 13.55 30.02
N ASP B 393 -6.76 13.07 28.94
CA ASP B 393 -5.48 12.36 29.05
C ASP B 393 -4.40 13.24 29.64
N VAL B 394 -4.42 14.54 29.29
CA VAL B 394 -3.42 15.48 29.81
C VAL B 394 -3.54 15.59 31.34
N LEU B 395 -4.76 15.75 31.83
CA LEU B 395 -4.94 15.76 33.29
C LEU B 395 -4.50 14.42 33.90
N ALA B 396 -4.81 13.30 33.23
CA ALA B 396 -4.47 12.01 33.79
C ALA B 396 -2.97 11.79 33.84
N LEU B 397 -2.20 12.47 32.99
CA LEU B 397 -0.75 12.40 33.10
C LEU B 397 -0.27 12.91 34.47
N SER B 398 -0.90 13.96 35.01
CA SER B 398 -0.50 14.45 36.34
C SER B 398 -0.98 13.50 37.43
N VAL B 399 -2.21 12.98 37.29
CA VAL B 399 -2.76 12.07 38.30
C VAL B 399 -1.93 10.80 38.47
N SER B 400 -1.31 10.30 37.40
N SER B 400 -1.31 10.31 37.39
CA SER B 400 -0.60 9.03 37.45
CA SER B 400 -0.59 9.04 37.39
C SER B 400 0.79 9.12 38.05
C SER B 400 0.78 9.12 38.07
N THR B 401 1.31 10.33 38.28
CA THR B 401 2.65 10.45 38.86
C THR B 401 2.67 9.82 40.26
N PRO B 402 3.76 9.15 40.65
CA PRO B 402 3.77 8.55 42.00
C PRO B 402 3.54 9.58 43.10
N GLU B 403 4.00 10.82 42.91
CA GLU B 403 3.76 11.85 43.91
C GLU B 403 2.28 12.18 44.02
N HIS B 404 1.56 12.24 42.90
CA HIS B 404 0.14 12.54 43.01
C HIS B 404 -0.63 11.36 43.59
N LEU B 405 -0.24 10.13 43.21
CA LEU B 405 -0.88 8.96 43.78
C LEU B 405 -0.71 8.95 45.30
N HIS B 406 0.47 9.30 45.77
CA HIS B 406 0.69 9.43 47.22
C HIS B 406 -0.24 10.48 47.83
N LYS B 407 -0.45 11.61 47.15
CA LYS B 407 -1.32 12.66 47.70
C LYS B 407 -2.77 12.20 47.88
N ILE B 408 -3.29 11.35 46.99
CA ILE B 408 -4.67 10.90 47.09
C ILE B 408 -4.77 9.54 47.76
N GLY B 409 -3.71 9.09 48.41
CA GLY B 409 -3.79 7.95 49.30
C GLY B 409 -3.71 6.58 48.66
N LEU B 410 -3.21 6.47 47.42
CA LEU B 410 -3.16 5.19 46.70
C LEU B 410 -1.76 4.59 46.64
N LEU B 411 -0.76 5.26 47.21
CA LEU B 411 0.62 4.78 47.17
C LEU B 411 1.31 5.29 48.43
N ASP B 412 1.75 4.37 49.29
CA ASP B 412 2.33 4.77 50.57
C ASP B 412 3.79 5.17 50.43
N ARG B 413 4.66 4.21 50.09
CA ARG B 413 6.07 4.51 49.96
C ARG B 413 6.30 5.62 48.93
N VAL B 414 7.27 6.48 49.22
CA VAL B 414 7.66 7.58 48.36
C VAL B 414 9.18 7.55 48.23
N THR B 415 9.69 7.52 47.01
CA THR B 415 11.14 7.51 46.84
C THR B 415 11.51 7.98 45.43
N ASN B 416 12.50 8.86 45.35
CA ASN B 416 12.89 9.55 44.12
C ASN B 416 14.32 9.16 43.78
N ASP B 417 14.48 8.09 43.00
CA ASP B 417 15.78 7.68 42.51
C ASP B 417 15.61 7.20 41.07
N THR B 418 16.75 6.91 40.44
CA THR B 418 16.74 6.52 39.03
C THR B 418 15.95 5.23 38.82
N GLU B 419 16.04 4.27 39.75
CA GLU B 419 15.34 2.98 39.60
C GLU B 419 13.83 3.18 39.52
N SER B 420 13.29 3.99 40.43
CA SER B 420 11.85 4.21 40.50
C SER B 420 11.37 5.04 39.31
N ASP B 421 12.19 5.97 38.84
CA ASP B 421 11.90 6.68 37.61
C ASP B 421 11.73 5.72 36.44
N ILE B 422 12.66 4.76 36.30
CA ILE B 422 12.58 3.82 35.19
C ILE B 422 11.30 2.99 35.27
N ASN B 423 10.96 2.51 36.47
CA ASN B 423 9.76 1.70 36.65
C ASN B 423 8.51 2.46 36.19
N TYR B 424 8.39 3.72 36.61
CA TYR B 424 7.22 4.52 36.28
C TYR B 424 7.14 4.77 34.78
N LEU B 425 8.26 5.16 34.17
CA LEU B 425 8.21 5.47 32.73
C LEU B 425 7.91 4.23 31.89
N LEU B 426 8.37 3.06 32.33
CA LEU B 426 8.03 1.82 31.63
C LEU B 426 6.54 1.55 31.71
N LYS B 427 5.95 1.65 32.91
CA LYS B 427 4.51 1.45 33.04
C LYS B 427 3.75 2.41 32.13
N MET B 428 4.18 3.68 32.07
CA MET B 428 3.51 4.64 31.20
C MET B 428 3.69 4.27 29.73
N ALA B 429 4.89 3.82 29.35
CA ALA B 429 5.11 3.46 27.94
C ALA B 429 4.25 2.28 27.52
N LEU B 430 3.95 1.35 28.43
CA LEU B 430 3.08 0.21 28.12
C LEU B 430 1.69 0.67 27.65
N ASP B 431 1.25 1.85 28.08
CA ASP B 431 -0.02 2.44 27.60
C ASP B 431 0.23 3.36 26.41
N LYS B 432 1.12 4.34 26.54
CA LYS B 432 1.21 5.43 25.59
C LYS B 432 2.07 5.10 24.36
N ILE B 433 3.15 4.34 24.50
CA ILE B 433 3.97 4.00 23.34
C ILE B 433 3.40 2.79 22.61
N ALA B 434 2.92 1.78 23.36
CA ALA B 434 2.35 0.59 22.72
C ALA B 434 1.17 0.93 21.81
N PHE B 435 0.40 1.96 22.17
CA PHE B 435 -0.80 2.35 21.43
C PHE B 435 -0.47 2.96 20.07
N LEU B 436 0.71 3.58 19.93
CA LEU B 436 0.96 4.42 18.75
C LEU B 436 0.76 3.68 17.43
N PRO B 437 1.36 2.49 17.18
CA PRO B 437 1.10 1.83 15.89
C PRO B 437 -0.36 1.51 15.65
N PHE B 438 -1.13 1.21 16.71
CA PHE B 438 -2.53 0.86 16.53
C PHE B 438 -3.35 2.12 16.23
N GLY B 439 -3.09 3.18 16.97
CA GLY B 439 -3.74 4.46 16.69
C GLY B 439 -3.51 4.92 15.27
N TYR B 440 -2.31 4.65 14.73
CA TYR B 440 -1.98 5.01 13.34
C TYR B 440 -2.64 4.10 12.30
N LEU B 441 -2.69 2.77 12.53
CA LEU B 441 -3.07 1.85 11.45
C LEU B 441 -4.57 1.74 11.18
N VAL B 442 -5.44 2.02 12.16
CA VAL B 442 -6.86 1.69 12.00
C VAL B 442 -7.48 2.44 10.83
N ASP B 443 -7.20 3.74 10.71
CA ASP B 443 -7.77 4.49 9.60
C ASP B 443 -6.96 4.35 8.31
N GLN B 444 -5.69 3.94 8.38
CA GLN B 444 -5.05 3.48 7.14
C GLN B 444 -5.85 2.34 6.51
N TRP B 445 -6.30 1.37 7.33
CA TRP B 445 -7.17 0.32 6.81
C TRP B 445 -8.47 0.89 6.26
N ARG B 446 -9.12 1.76 7.03
CA ARG B 446 -10.46 2.24 6.67
C ARG B 446 -10.39 3.19 5.48
N TRP B 447 -9.33 4.00 5.37
CA TRP B 447 -9.17 4.84 4.18
C TRP B 447 -9.03 3.98 2.91
N GLY B 448 -8.32 2.85 2.98
CA GLY B 448 -8.24 1.96 1.82
C GLY B 448 -9.56 1.28 1.47
N VAL B 449 -10.38 0.99 2.46
CA VAL B 449 -11.71 0.47 2.18
C VAL B 449 -12.55 1.53 1.46
N PHE B 450 -12.57 2.75 1.99
CA PHE B 450 -13.39 3.81 1.41
C PHE B 450 -12.95 4.16 -0.02
N SER B 451 -11.63 4.17 -0.27
CA SER B 451 -11.12 4.53 -1.59
C SER B 451 -11.31 3.41 -2.62
N GLY B 452 -11.56 2.17 -2.19
CA GLY B 452 -11.66 1.05 -3.10
C GLY B 452 -10.40 0.22 -3.26
N ARG B 453 -9.27 0.65 -2.70
N ARG B 453 -9.27 0.68 -2.70
CA ARG B 453 -8.06 -0.16 -2.79
CA ARG B 453 -8.04 -0.12 -2.73
C ARG B 453 -8.22 -1.48 -2.05
C ARG B 453 -8.22 -1.46 -2.04
N THR B 454 -9.08 -1.51 -1.01
CA THR B 454 -9.37 -2.70 -0.23
C THR B 454 -10.83 -3.09 -0.44
N PRO B 455 -11.15 -3.95 -1.41
CA PRO B 455 -12.52 -4.43 -1.58
C PRO B 455 -12.84 -5.49 -0.54
N PRO B 456 -14.12 -5.90 -0.43
CA PRO B 456 -14.46 -6.96 0.54
C PRO B 456 -13.58 -8.18 0.47
N SER B 457 -13.13 -8.55 -0.74
CA SER B 457 -12.30 -9.74 -0.91
C SER B 457 -10.94 -9.64 -0.23
N ARG B 458 -10.54 -8.46 0.28
CA ARG B 458 -9.27 -8.31 0.96
C ARG B 458 -9.41 -7.63 2.32
N TYR B 459 -10.62 -7.58 2.91
CA TYR B 459 -10.77 -6.94 4.22
C TYR B 459 -9.80 -7.48 5.25
N ASN B 460 -9.72 -8.81 5.39
CA ASN B 460 -8.92 -9.39 6.47
C ASN B 460 -7.44 -9.49 6.12
N PHE B 461 -7.14 -9.79 4.85
CA PHE B 461 -5.77 -9.76 4.34
C PHE B 461 -5.11 -8.41 4.57
N ASP B 462 -5.80 -7.31 4.24
CA ASP B 462 -5.18 -6.00 4.42
C ASP B 462 -5.14 -5.58 5.89
N TRP B 463 -6.12 -6.01 6.70
CA TRP B 463 -6.09 -5.73 8.14
C TRP B 463 -4.86 -6.35 8.78
N TRP B 464 -4.60 -7.63 8.52
CA TRP B 464 -3.48 -8.30 9.17
C TRP B 464 -2.16 -7.87 8.56
N TYR B 465 -2.14 -7.46 7.27
CA TYR B 465 -0.93 -6.84 6.72
C TYR B 465 -0.53 -5.64 7.58
N LEU B 466 -1.49 -4.77 7.89
CA LEU B 466 -1.19 -3.57 8.66
C LEU B 466 -0.92 -3.87 10.13
N ARG B 467 -1.67 -4.81 10.72
CA ARG B 467 -1.40 -5.18 12.10
C ARG B 467 0.02 -5.73 12.27
N THR B 468 0.48 -6.57 11.33
CA THR B 468 1.86 -7.07 11.38
C THR B 468 2.87 -5.97 11.03
N LYS B 469 2.59 -5.17 10.00
CA LYS B 469 3.54 -4.13 9.60
C LYS B 469 3.86 -3.17 10.74
N TYR B 470 2.83 -2.69 11.45
CA TYR B 470 2.97 -1.66 12.49
C TYR B 470 3.10 -2.21 13.90
N GLN B 471 2.23 -3.14 14.34
CA GLN B 471 2.29 -3.61 15.71
C GLN B 471 3.21 -4.83 15.90
N GLY B 472 3.54 -5.56 14.85
CA GLY B 472 4.42 -6.69 15.06
C GLY B 472 3.74 -7.82 15.81
N ILE B 473 2.45 -8.05 15.53
CA ILE B 473 1.70 -9.15 16.11
C ILE B 473 1.15 -10.03 14.98
N CYS B 474 0.69 -11.21 15.37
CA CYS B 474 0.11 -12.16 14.41
C CYS B 474 -1.09 -12.83 15.05
N PRO B 475 -2.07 -13.25 14.25
CA PRO B 475 -3.23 -13.92 14.84
C PRO B 475 -2.81 -15.30 15.36
N PRO B 476 -3.28 -15.69 16.55
CA PRO B 476 -2.82 -16.98 17.14
C PRO B 476 -3.53 -18.19 16.58
N VAL B 477 -4.53 -18.00 15.72
CA VAL B 477 -5.16 -19.06 14.93
C VAL B 477 -5.28 -18.59 13.49
N THR B 478 -5.37 -19.54 12.56
CA THR B 478 -5.46 -19.19 11.15
C THR B 478 -6.74 -18.40 10.87
N ARG B 479 -6.62 -17.35 10.04
CA ARG B 479 -7.76 -16.54 9.62
C ARG B 479 -7.90 -16.58 8.09
N ASN B 480 -9.11 -16.31 7.63
CA ASN B 480 -9.39 -16.20 6.20
C ASN B 480 -10.47 -15.13 6.00
N GLU B 481 -10.92 -14.97 4.75
CA GLU B 481 -11.81 -13.84 4.45
C GLU B 481 -13.26 -14.06 4.88
N THR B 482 -13.57 -15.21 5.49
CA THR B 482 -14.83 -15.35 6.20
C THR B 482 -14.77 -14.56 7.51
N HIS B 483 -13.58 -14.42 8.05
CA HIS B 483 -13.38 -13.60 9.23
C HIS B 483 -13.32 -12.12 8.86
N PHE B 484 -13.80 -11.27 9.79
CA PHE B 484 -13.77 -9.82 9.61
C PHE B 484 -13.27 -9.21 10.92
N ASP B 485 -11.95 -9.31 11.15
CA ASP B 485 -11.39 -9.01 12.47
C ASP B 485 -11.39 -7.51 12.78
N ALA B 486 -11.32 -6.65 11.77
CA ALA B 486 -11.52 -5.22 12.02
C ALA B 486 -12.89 -4.95 12.63
N GLY B 487 -13.90 -5.74 12.28
CA GLY B 487 -15.24 -5.54 12.81
C GLY B 487 -15.38 -5.84 14.29
N ALA B 488 -14.42 -6.51 14.88
CA ALA B 488 -14.45 -6.81 16.30
C ALA B 488 -13.81 -5.71 17.15
N LYS B 489 -13.56 -4.53 16.57
CA LYS B 489 -13.09 -3.35 17.28
C LYS B 489 -14.22 -2.33 17.26
N PHE B 490 -14.64 -1.85 18.45
CA PHE B 490 -15.85 -1.01 18.59
C PHE B 490 -16.06 0.02 17.48
N HIS B 491 -15.03 0.82 17.16
CA HIS B 491 -15.21 2.01 16.34
C HIS B 491 -15.53 1.72 14.86
N VAL B 492 -15.33 0.49 14.41
CA VAL B 492 -15.56 0.13 13.00
C VAL B 492 -17.07 -0.01 12.79
N PRO B 493 -17.76 -0.94 13.44
CA PRO B 493 -19.24 -0.93 13.27
C PRO B 493 -19.94 0.30 13.81
N ASN B 494 -19.40 0.98 14.82
CA ASN B 494 -20.02 2.18 15.35
C ASN B 494 -19.57 3.43 14.62
N VAL B 495 -18.88 3.26 13.49
CA VAL B 495 -18.48 4.34 12.60
C VAL B 495 -17.97 5.57 13.31
N THR B 496 -16.92 5.40 14.11
CA THR B 496 -16.24 6.52 14.72
C THR B 496 -14.82 6.59 14.16
N PRO B 497 -14.38 7.73 13.63
CA PRO B 497 -13.01 7.82 13.12
C PRO B 497 -11.98 7.55 14.22
N TYR B 498 -10.78 7.15 13.79
CA TYR B 498 -9.73 6.73 14.71
C TYR B 498 -8.43 7.54 14.66
N ILE B 499 -8.09 8.19 13.55
CA ILE B 499 -6.80 8.88 13.49
C ILE B 499 -6.69 9.96 14.59
N ARG B 500 -7.83 10.49 15.05
CA ARG B 500 -7.84 11.45 16.16
C ARG B 500 -7.10 10.94 17.40
N TYR B 501 -7.07 9.63 17.62
CA TYR B 501 -6.40 9.11 18.81
C TYR B 501 -4.88 9.10 18.64
N PHE B 502 -4.37 8.81 17.43
CA PHE B 502 -2.95 8.98 17.17
C PHE B 502 -2.53 10.45 17.36
N VAL B 503 -3.32 11.37 16.81
CA VAL B 503 -3.03 12.79 16.98
C VAL B 503 -3.02 13.17 18.45
N SER B 504 -4.00 12.69 19.22
CA SER B 504 -4.07 13.02 20.64
C SER B 504 -2.88 12.50 21.43
N PHE B 505 -2.41 11.30 21.13
CA PHE B 505 -1.36 10.73 21.96
C PHE B 505 -0.03 11.45 21.78
N VAL B 506 0.16 12.12 20.64
CA VAL B 506 1.29 13.03 20.43
C VAL B 506 0.99 14.40 21.05
N LEU B 507 -0.19 14.93 20.75
CA LEU B 507 -0.55 16.28 21.16
C LEU B 507 -0.57 16.43 22.68
N GLN B 508 -1.06 15.41 23.39
CA GLN B 508 -1.21 15.57 24.84
C GLN B 508 0.11 15.85 25.54
N PHE B 509 1.25 15.45 24.94
CA PHE B 509 2.53 15.77 25.53
C PHE B 509 2.96 17.21 25.21
N GLN B 510 2.56 17.75 24.07
CA GLN B 510 2.71 19.17 23.83
C GLN B 510 1.92 19.99 24.85
N PHE B 511 0.65 19.62 25.05
CA PHE B 511 -0.20 20.29 26.04
C PHE B 511 0.40 20.18 27.43
N HIS B 512 0.88 19.00 27.81
CA HIS B 512 1.48 18.79 29.13
C HIS B 512 2.64 19.73 29.36
N GLU B 513 3.58 19.79 28.40
CA GLU B 513 4.73 20.66 28.54
C GLU B 513 4.29 22.12 28.66
N ALA B 514 3.34 22.56 27.84
CA ALA B 514 2.88 23.95 27.95
C ALA B 514 2.27 24.23 29.32
N LEU B 515 1.39 23.35 29.80
CA LEU B 515 0.71 23.62 31.06
C LEU B 515 1.68 23.53 32.24
N CYS B 516 2.64 22.60 32.18
CA CYS B 516 3.63 22.51 33.23
C CYS B 516 4.51 23.75 33.28
N LYS B 517 4.77 24.37 32.12
CA LYS B 517 5.54 25.60 32.11
C LYS B 517 4.73 26.75 32.69
N GLU B 518 3.48 26.91 32.24
CA GLU B 518 2.59 27.92 32.79
C GLU B 518 2.41 27.78 34.30
N ALA B 519 2.64 26.61 34.87
CA ALA B 519 2.41 26.38 36.28
C ALA B 519 3.62 26.68 37.15
N GLY B 520 4.76 26.99 36.54
CA GLY B 520 5.97 27.26 37.30
C GLY B 520 6.78 26.05 37.65
N TYR B 521 6.42 24.87 37.12
CA TYR B 521 7.19 23.67 37.42
C TYR B 521 8.54 23.74 36.73
N GLU B 522 9.60 23.31 37.43
CA GLU B 522 10.95 23.35 36.86
C GLU B 522 11.70 22.02 36.92
N GLY B 523 11.08 20.94 37.40
CA GLY B 523 11.73 19.65 37.41
C GLY B 523 11.54 18.91 36.08
N PRO B 524 11.85 17.61 36.09
CA PRO B 524 11.70 16.83 34.85
C PRO B 524 10.25 16.76 34.39
N LEU B 525 10.06 16.72 33.07
CA LEU B 525 8.71 16.78 32.53
C LEU B 525 7.84 15.64 33.07
N HIS B 526 8.40 14.45 33.27
CA HIS B 526 7.58 13.29 33.66
C HIS B 526 7.26 13.26 35.15
N GLN B 527 7.69 14.26 35.92
CA GLN B 527 7.34 14.36 37.33
C GLN B 527 6.42 15.55 37.60
N CYS B 528 6.04 16.31 36.58
CA CYS B 528 5.14 17.44 36.76
C CYS B 528 3.74 16.99 37.16
N ASP B 529 3.13 17.75 38.06
CA ASP B 529 1.73 17.61 38.47
C ASP B 529 1.13 19.02 38.51
N ILE B 530 0.15 19.29 37.63
CA ILE B 530 -0.42 20.63 37.53
C ILE B 530 -1.59 20.84 38.49
N TYR B 531 -1.91 19.84 39.31
CA TYR B 531 -2.93 19.94 40.35
C TYR B 531 -2.86 21.30 41.04
N ARG B 532 -4.02 21.94 41.16
CA ARG B 532 -4.21 23.21 41.86
C ARG B 532 -3.48 24.38 41.21
N SER B 533 -3.09 24.27 39.94
CA SER B 533 -2.52 25.43 39.23
C SER B 533 -3.64 26.17 38.51
N THR B 534 -4.04 27.32 39.06
CA THR B 534 -5.08 28.13 38.44
C THR B 534 -4.59 28.79 37.16
N LYS B 535 -3.28 29.05 37.05
CA LYS B 535 -2.73 29.61 35.83
C LYS B 535 -2.80 28.61 34.68
N ALA B 536 -2.33 27.38 34.90
CA ALA B 536 -2.52 26.31 33.92
C ALA B 536 -4.00 26.15 33.55
N GLY B 537 -4.87 26.15 34.57
CA GLY B 537 -6.30 26.04 34.30
C GLY B 537 -6.81 27.14 33.39
N ALA B 538 -6.27 28.36 33.53
CA ALA B 538 -6.70 29.48 32.70
C ALA B 538 -6.28 29.27 31.26
N LYS B 539 -5.04 28.86 31.04
CA LYS B 539 -4.55 28.62 29.68
C LYS B 539 -5.37 27.55 28.98
N LEU B 540 -5.67 26.45 29.66
CA LEU B 540 -6.49 25.40 29.07
C LEU B 540 -7.91 25.88 28.81
N ARG B 541 -8.48 26.66 29.72
CA ARG B 541 -9.86 27.10 29.56
C ARG B 541 -10.04 27.88 28.26
N LYS B 542 -9.04 28.64 27.83
CA LYS B 542 -9.13 29.38 26.58
C LYS B 542 -9.39 28.45 25.41
N VAL B 543 -8.55 27.42 25.26
CA VAL B 543 -8.74 26.42 24.21
C VAL B 543 -10.17 25.92 24.21
N LEU B 544 -10.63 25.46 25.38
CA LEU B 544 -11.94 24.81 25.44
C LEU B 544 -13.05 25.75 25.02
N ARG B 545 -12.94 27.04 25.32
CA ARG B 545 -14.01 27.98 25.01
C ARG B 545 -14.06 28.31 23.53
N ALA B 546 -12.89 28.30 22.84
CA ALA B 546 -12.84 28.59 21.41
C ALA B 546 -13.72 27.64 20.59
N GLY B 547 -13.89 26.40 21.03
CA GLY B 547 -14.62 25.46 20.19
C GLY B 547 -13.92 25.31 18.86
N SER B 548 -14.71 25.26 17.77
CA SER B 548 -14.18 25.29 16.42
C SER B 548 -14.48 26.62 15.74
N SER B 549 -14.38 27.70 16.53
CA SER B 549 -14.54 29.04 16.00
C SER B 549 -13.32 29.47 15.21
N ARG B 550 -12.16 29.03 15.65
CA ARG B 550 -10.89 29.38 15.05
C ARG B 550 -10.24 28.17 14.41
N PRO B 551 -9.25 28.39 13.54
CA PRO B 551 -8.51 27.26 12.97
C PRO B 551 -7.61 26.62 14.02
N TRP B 552 -7.60 25.29 14.04
CA TRP B 552 -6.89 24.60 15.10
C TRP B 552 -5.42 24.99 15.13
N GLN B 553 -4.84 25.32 13.97
CA GLN B 553 -3.43 25.71 13.92
C GLN B 553 -3.17 27.02 14.67
N GLU B 554 -4.17 27.90 14.72
CA GLU B 554 -3.99 29.16 15.46
C GLU B 554 -4.14 28.92 16.95
N VAL B 555 -5.23 28.28 17.35
CA VAL B 555 -5.43 27.93 18.76
C VAL B 555 -4.16 27.29 19.32
N LEU B 556 -3.53 26.41 18.55
CA LEU B 556 -2.39 25.66 19.08
C LEU B 556 -1.19 26.57 19.34
N LYS B 557 -0.93 27.55 18.46
CA LYS B 557 0.26 28.38 18.67
C LYS B 557 0.08 29.28 19.89
N ASP B 558 -1.13 29.79 20.13
CA ASP B 558 -1.39 30.57 21.34
C ASP B 558 -1.00 29.77 22.58
N MET B 559 -1.26 28.45 22.56
CA MET B 559 -1.14 27.64 23.77
C MET B 559 0.26 27.13 24.00
N VAL B 560 0.94 26.63 22.97
CA VAL B 560 2.26 26.03 23.14
C VAL B 560 3.34 26.76 22.38
N GLY B 561 3.01 27.76 21.56
CA GLY B 561 4.02 28.51 20.84
C GLY B 561 4.49 27.86 19.56
N LEU B 562 3.64 27.06 18.93
CA LEU B 562 3.98 26.36 17.70
C LEU B 562 2.67 25.99 17.02
N ASP B 563 2.68 25.98 15.68
CA ASP B 563 1.43 25.82 14.94
C ASP B 563 1.28 24.44 14.31
N ALA B 564 2.04 23.45 14.78
CA ALA B 564 1.93 22.11 14.22
C ALA B 564 2.16 21.03 15.26
N LEU B 565 1.70 19.81 14.95
CA LEU B 565 2.03 18.64 15.75
C LEU B 565 3.55 18.43 15.80
N ASP B 566 4.05 18.01 16.96
CA ASP B 566 5.48 17.86 17.20
C ASP B 566 5.71 16.73 18.22
N ALA B 567 6.64 15.82 17.89
CA ALA B 567 6.94 14.67 18.73
C ALA B 567 7.95 14.95 19.84
N GLN B 568 8.60 16.12 19.83
CA GLN B 568 9.67 16.34 20.78
C GLN B 568 9.19 16.28 22.22
N PRO B 569 8.06 16.88 22.58
CA PRO B 569 7.60 16.75 23.98
C PRO B 569 7.48 15.29 24.42
N LEU B 570 6.85 14.43 23.60
CA LEU B 570 6.74 13.02 23.97
C LEU B 570 8.12 12.37 24.12
N LEU B 571 9.02 12.64 23.18
CA LEU B 571 10.35 12.05 23.25
C LEU B 571 11.08 12.48 24.53
N LYS B 572 10.94 13.75 24.91
CA LYS B 572 11.59 14.27 26.11
C LYS B 572 11.00 13.64 27.37
N TYR B 573 9.68 13.48 27.40
CA TYR B 573 9.03 12.82 28.52
C TYR B 573 9.62 11.45 28.78
N PHE B 574 9.82 10.64 27.72
CA PHE B 574 10.23 9.26 27.87
C PHE B 574 11.75 9.03 27.77
N GLN B 575 12.54 10.06 27.49
CA GLN B 575 13.97 9.89 27.19
C GLN B 575 14.72 8.89 28.06
N LEU B 576 14.46 8.89 29.37
CA LEU B 576 15.25 8.04 30.27
C LEU B 576 14.98 6.55 30.04
N VAL B 577 13.72 6.18 29.81
CA VAL B 577 13.40 4.77 29.65
C VAL B 577 13.68 4.35 28.20
N THR B 578 13.61 5.29 27.26
CA THR B 578 14.07 5.00 25.91
C THR B 578 15.51 4.52 25.93
N GLN B 579 16.38 5.22 26.68
CA GLN B 579 17.78 4.81 26.78
C GLN B 579 17.94 3.50 27.53
N TRP B 580 17.23 3.36 28.65
CA TRP B 580 17.32 2.10 29.38
C TRP B 580 16.90 0.92 28.50
N LEU B 581 15.85 1.09 27.70
CA LEU B 581 15.35 -0.02 26.89
C LEU B 581 16.36 -0.41 25.81
N GLN B 582 16.99 0.57 25.16
CA GLN B 582 18.03 0.23 24.19
C GLN B 582 19.10 -0.66 24.80
N GLU B 583 19.52 -0.33 26.03
CA GLU B 583 20.63 -1.04 26.65
C GLU B 583 20.26 -2.46 26.99
N GLN B 584 19.10 -2.66 27.63
CA GLN B 584 18.65 -4.01 27.95
C GLN B 584 18.63 -4.88 26.70
N ASN B 585 18.12 -4.34 25.60
CA ASN B 585 17.96 -5.15 24.40
C ASN B 585 19.32 -5.56 23.83
N GLN B 586 20.26 -4.62 23.79
CA GLN B 586 21.61 -4.95 23.33
C GLN B 586 22.25 -6.01 24.22
N GLN B 587 22.14 -5.83 25.52
CA GLN B 587 22.72 -6.78 26.47
C GLN B 587 22.14 -8.18 26.25
N ASN B 588 20.86 -8.28 25.89
CA ASN B 588 20.24 -9.58 25.67
C ASN B 588 20.41 -10.06 24.24
N GLY B 589 21.06 -9.27 23.40
CA GLY B 589 21.23 -9.65 22.00
C GLY B 589 19.95 -9.72 21.20
N GLU B 590 19.00 -8.84 21.47
CA GLU B 590 17.71 -8.92 20.78
C GLU B 590 17.85 -8.54 19.31
N VAL B 591 16.97 -9.09 18.48
CA VAL B 591 16.71 -8.57 17.13
C VAL B 591 15.54 -7.60 17.24
N LEU B 592 15.76 -6.36 16.79
CA LEU B 592 14.70 -5.37 16.76
C LEU B 592 13.83 -5.55 15.51
N GLY B 593 12.51 -5.61 15.68
CA GLY B 593 11.63 -5.98 14.58
C GLY B 593 11.31 -7.45 14.57
N TRP B 594 10.75 -7.91 13.44
CA TRP B 594 10.20 -9.27 13.33
C TRP B 594 10.46 -9.81 11.92
N PRO B 595 11.74 -10.09 11.60
CA PRO B 595 12.09 -10.55 10.23
C PRO B 595 11.47 -11.86 9.81
N GLU B 596 11.10 -12.73 10.75
CA GLU B 596 10.34 -13.93 10.41
C GLU B 596 8.84 -13.57 10.36
N TYR B 597 8.50 -12.76 9.33
CA TYR B 597 7.18 -12.13 9.24
C TYR B 597 6.06 -13.12 8.92
N GLN B 598 6.40 -14.33 8.46
CA GLN B 598 5.42 -15.37 8.16
C GLN B 598 5.04 -16.22 9.38
N TRP B 599 5.75 -16.08 10.51
CA TRP B 599 5.57 -17.01 11.63
C TRP B 599 4.23 -16.80 12.34
N HIS B 600 3.58 -17.92 12.66
CA HIS B 600 2.42 -18.04 13.53
C HIS B 600 2.64 -19.15 14.57
N PRO B 601 2.07 -19.02 15.76
CA PRO B 601 2.27 -20.06 16.79
C PRO B 601 1.46 -21.31 16.48
N PRO B 602 1.84 -22.45 17.04
CA PRO B 602 1.02 -23.65 16.90
C PRO B 602 -0.19 -23.62 17.83
N LEU B 603 -1.10 -24.53 17.57
CA LEU B 603 -2.22 -24.69 18.47
C LEU B 603 -1.80 -25.47 19.71
N PRO B 604 -2.41 -25.17 20.85
CA PRO B 604 -2.27 -26.06 22.01
C PRO B 604 -2.79 -27.46 21.69
N ASP B 605 -2.17 -28.47 22.28
CA ASP B 605 -2.60 -29.84 22.04
C ASP B 605 -4.07 -30.00 22.43
N ASN B 606 -4.83 -30.69 21.58
CA ASN B 606 -6.26 -30.90 21.77
C ASN B 606 -6.94 -29.61 22.21
N TYR B 607 -6.97 -28.62 21.31
CA TYR B 607 -7.71 -27.37 21.47
C TYR B 607 -8.98 -27.42 20.63
N PRO B 608 -10.15 -27.01 21.15
CA PRO B 608 -10.47 -26.40 22.44
C PRO B 608 -10.96 -27.35 23.54
N GLU B 609 -10.33 -28.50 23.69
CA GLU B 609 -10.89 -29.55 24.54
C GLU B 609 -10.35 -29.55 25.97
#